data_2BKS
#
_entry.id   2BKS
#
_cell.length_a   141.916
_cell.length_b   141.916
_cell.length_c   141.916
_cell.angle_alpha   90.00
_cell.angle_beta   90.00
_cell.angle_gamma   90.00
#
_symmetry.space_group_name_H-M   'P 21 3'
#
loop_
_entity.id
_entity.type
_entity.pdbx_description
1 polymer Renin
2 non-polymer (6R)-6-({[1-(3-HYDROXYPROPYL)-1,7-DIHYDROQUINOLIN-7-YL]OXY}METHYL)-1-(4-{3-[(2-METHOXYBENZYL)OXY]PROPOXY}PHENYL)PIPERAZIN-2-ONE
3 water water
#
_entity_poly.entity_id   1
_entity_poly.type   'polypeptide(L)'
_entity_poly.pdbx_seq_one_letter_code
;LTLGNTTSSVILTNYMDTQYYGEIGIGTPPQTFKVVFDTGSSNVWVPSSKCSRLYTACVYHKLFDASDSSSYKHNGTELT
LRYSTGTVSGFLSQDIITVGGITVTQMFGEVTEMPALPFMLAEFDGVVGMGFIEQAIGRVTPIFDNIISQGVLKEDVFSF
YYNRDSENSQSLGGQIVLGGSDPQHYEGNFHYINLIKTGVWQIQMKGVSVGSSTLLCEDGCLALVDTGASYISGSTSSIE
KLMEALGAKKRLFDYVVKCNEGPTLPDISFHLGGKEYTLTSADYVFQESYSSKKLCTLAIHAMDIPPPTGPTWALGATFI
RKFYTEFDRRNNRIGFALAR
;
_entity_poly.pdbx_strand_id   A,B
#
loop_
_chem_comp.id
_chem_comp.type
_chem_comp.name
_chem_comp.formula
PZ1 non-polymer (6R)-6-({[1-(3-HYDROXYPROPYL)-1,7-DIHYDROQUINOLIN-7-YL]OXY}METHYL)-1-(4-{3-[(2-METHOXYBENZYL)OXY]PROPOXY}PHENYL)PIPERAZIN-2-ONE 'C34 H41 N3 O6'
#
# COMPACT_ATOMS: atom_id res chain seq x y z
N SER A 8 -29.89 -21.58 12.65
CA SER A 8 -28.44 -21.31 12.90
C SER A 8 -27.72 -20.70 11.71
N SER A 9 -26.91 -19.69 11.97
CA SER A 9 -26.19 -19.03 10.90
C SER A 9 -24.68 -19.09 11.12
N VAL A 10 -23.94 -19.10 10.01
CA VAL A 10 -22.49 -19.13 10.07
C VAL A 10 -22.01 -17.81 9.47
N ILE A 11 -21.14 -17.10 10.19
CA ILE A 11 -20.59 -15.83 9.71
C ILE A 11 -19.42 -16.10 8.76
N LEU A 12 -19.46 -15.52 7.57
CA LEU A 12 -18.39 -15.74 6.59
C LEU A 12 -17.48 -14.54 6.39
N THR A 13 -16.22 -14.82 6.08
CA THR A 13 -15.23 -13.79 5.81
C THR A 13 -15.02 -13.76 4.29
N ASN A 14 -14.99 -12.56 3.71
CA ASN A 14 -14.78 -12.42 2.28
C ASN A 14 -13.35 -11.98 2.01
N TYR A 15 -12.60 -12.85 1.35
CA TYR A 15 -11.21 -12.57 0.98
C TYR A 15 -11.15 -12.29 -0.52
N MET A 16 -10.82 -11.05 -0.87
CA MET A 16 -10.69 -10.60 -2.27
C MET A 16 -11.82 -10.98 -3.22
N ASP A 17 -13.01 -11.26 -2.69
CA ASP A 17 -14.14 -11.63 -3.53
C ASP A 17 -13.99 -13.01 -4.19
N THR A 18 -12.95 -13.77 -3.81
CA THR A 18 -12.75 -15.09 -4.40
C THR A 18 -12.85 -16.24 -3.40
N GLN A 19 -12.66 -15.95 -2.12
CA GLN A 19 -12.74 -17.01 -1.12
C GLN A 19 -13.66 -16.59 0.02
N TYR A 20 -14.73 -17.35 0.21
CA TYR A 20 -15.69 -17.06 1.27
C TYR A 20 -15.61 -18.20 2.26
N TYR A 21 -15.21 -17.89 3.49
CA TYR A 21 -15.07 -18.94 4.47
C TYR A 21 -15.56 -18.61 5.88
N GLY A 22 -15.94 -19.65 6.61
CA GLY A 22 -16.41 -19.48 7.98
C GLY A 22 -15.63 -20.42 8.87
N GLU A 23 -15.91 -20.38 10.17
CA GLU A 23 -15.19 -21.24 11.09
C GLU A 23 -15.96 -22.43 11.64
N ILE A 24 -15.26 -23.53 11.83
CA ILE A 24 -15.88 -24.72 12.41
C ILE A 24 -14.88 -25.19 13.48
N GLY A 25 -15.39 -25.93 14.46
CA GLY A 25 -14.54 -26.44 15.51
C GLY A 25 -14.58 -27.95 15.50
N ILE A 26 -13.41 -28.58 15.54
CA ILE A 26 -13.33 -30.04 15.51
C ILE A 26 -12.59 -30.57 16.75
N GLY A 27 -13.16 -31.58 17.39
CA GLY A 27 -12.51 -32.17 18.55
C GLY A 27 -12.85 -31.57 19.90
N THR A 28 -12.26 -32.16 20.94
CA THR A 28 -12.46 -31.74 22.32
C THR A 28 -11.09 -31.72 22.98
N PRO A 29 -10.59 -30.52 23.32
CA PRO A 29 -11.21 -29.21 23.14
C PRO A 29 -11.28 -28.92 21.64
N PRO A 30 -12.11 -27.94 21.24
CA PRO A 30 -12.24 -27.58 19.82
C PRO A 30 -10.97 -27.03 19.18
N GLN A 31 -10.66 -27.53 17.98
CA GLN A 31 -9.54 -27.06 17.20
C GLN A 31 -10.25 -26.34 16.07
N THR A 32 -9.93 -25.06 15.92
CA THR A 32 -10.55 -24.17 14.94
C THR A 32 -9.98 -24.21 13.52
N PHE A 33 -10.87 -24.15 12.53
CA PHE A 33 -10.47 -24.19 11.12
C PHE A 33 -11.30 -23.27 10.26
N LYS A 34 -10.65 -22.66 9.27
CA LYS A 34 -11.34 -21.80 8.33
C LYS A 34 -11.74 -22.73 7.19
N VAL A 35 -13.01 -22.72 6.82
CA VAL A 35 -13.43 -23.61 5.74
C VAL A 35 -14.41 -22.94 4.78
N VAL A 36 -14.37 -23.38 3.54
CA VAL A 36 -15.28 -22.90 2.49
C VAL A 36 -16.44 -23.88 2.46
N PHE A 37 -17.67 -23.37 2.32
CA PHE A 37 -18.82 -24.27 2.26
C PHE A 37 -19.13 -24.40 0.77
N ASP A 38 -18.98 -25.62 0.27
CA ASP A 38 -19.08 -25.92 -1.15
C ASP A 38 -20.24 -26.84 -1.57
N THR A 39 -21.21 -26.28 -2.28
CA THR A 39 -22.33 -27.11 -2.74
C THR A 39 -21.90 -28.02 -3.89
N GLY A 40 -20.69 -27.82 -4.39
CA GLY A 40 -20.18 -28.64 -5.48
C GLY A 40 -19.55 -29.95 -5.06
N SER A 41 -19.27 -30.13 -3.77
CA SER A 41 -18.67 -31.38 -3.30
C SER A 41 -19.42 -31.84 -2.05
N SER A 42 -19.13 -33.06 -1.57
CA SER A 42 -19.85 -33.58 -0.42
C SER A 42 -19.02 -34.07 0.76
N ASN A 43 -17.70 -33.91 0.70
CA ASN A 43 -16.86 -34.36 1.81
C ASN A 43 -16.37 -33.20 2.67
N VAL A 44 -16.06 -33.50 3.93
CA VAL A 44 -15.49 -32.52 4.85
C VAL A 44 -13.99 -32.85 5.01
N TRP A 45 -13.12 -31.84 4.96
CA TRP A 45 -11.70 -32.08 5.18
C TRP A 45 -10.92 -30.86 5.67
N VAL A 46 -9.89 -31.14 6.46
CA VAL A 46 -9.02 -30.12 7.01
C VAL A 46 -7.60 -30.70 6.97
N PRO A 47 -6.58 -29.83 7.04
CA PRO A 47 -5.21 -30.34 7.01
C PRO A 47 -4.93 -31.13 8.29
N SER A 48 -4.13 -32.18 8.17
CA SER A 48 -3.79 -33.04 9.31
C SER A 48 -2.40 -32.80 9.90
N SER A 49 -2.27 -33.01 11.20
CA SER A 49 -0.99 -32.86 11.87
C SER A 49 -0.04 -33.92 11.30
N LYS A 50 -0.59 -34.95 10.66
CA LYS A 50 0.26 -36.00 10.10
C LYS A 50 0.80 -35.64 8.71
N CYS A 51 0.49 -34.44 8.24
CA CYS A 51 0.95 -33.99 6.92
C CYS A 51 2.42 -33.57 6.98
N SER A 52 3.25 -34.23 6.19
CA SER A 52 4.69 -33.92 6.13
C SER A 52 4.89 -32.43 5.93
N ARG A 53 5.77 -31.83 6.74
CA ARG A 53 6.03 -30.40 6.61
C ARG A 53 6.77 -30.08 5.31
N LEU A 54 7.01 -31.11 4.48
CA LEU A 54 7.65 -30.88 3.18
C LEU A 54 6.56 -30.25 2.30
N TYR A 55 5.31 -30.43 2.69
CA TYR A 55 4.21 -29.81 1.95
C TYR A 55 4.12 -28.43 2.61
N THR A 56 4.66 -27.42 1.97
CA THR A 56 4.64 -26.08 2.55
C THR A 56 3.22 -25.62 2.91
N ALA A 57 2.22 -26.00 2.12
CA ALA A 57 0.83 -25.60 2.40
C ALA A 57 0.45 -26.05 3.80
N CYS A 58 0.99 -27.18 4.24
CA CYS A 58 0.71 -27.68 5.57
C CYS A 58 1.39 -26.83 6.61
N VAL A 59 2.55 -26.26 6.27
CA VAL A 59 3.26 -25.40 7.20
C VAL A 59 2.45 -24.11 7.38
N TYR A 60 1.72 -23.69 6.34
CA TYR A 60 0.94 -22.46 6.38
C TYR A 60 -0.55 -22.56 6.75
N HIS A 61 -0.99 -23.68 7.30
CA HIS A 61 -2.39 -23.81 7.69
C HIS A 61 -2.58 -24.47 9.05
N LYS A 62 -3.77 -24.33 9.62
CA LYS A 62 -4.09 -24.96 10.90
C LYS A 62 -4.15 -26.48 10.64
N LEU A 63 -3.51 -27.27 11.49
CA LEU A 63 -3.48 -28.71 11.33
C LEU A 63 -4.25 -29.42 12.42
N PHE A 64 -5.12 -30.36 12.04
CA PHE A 64 -5.89 -31.11 13.04
C PHE A 64 -5.00 -32.16 13.68
N ASP A 65 -4.92 -32.14 15.00
CA ASP A 65 -4.11 -33.09 15.74
C ASP A 65 -5.03 -33.98 16.55
N ALA A 66 -5.21 -35.21 16.08
CA ALA A 66 -6.07 -36.17 16.74
C ALA A 66 -5.60 -36.52 18.15
N SER A 67 -4.29 -36.47 18.40
CA SER A 67 -3.79 -36.82 19.72
C SER A 67 -4.11 -35.79 20.79
N ASP A 68 -4.75 -34.69 20.39
CA ASP A 68 -5.13 -33.63 21.33
C ASP A 68 -6.65 -33.58 21.52
N SER A 69 -7.36 -34.54 20.94
CA SER A 69 -8.83 -34.60 21.06
C SER A 69 -9.30 -35.90 21.70
N SER A 70 -10.04 -35.77 22.81
CA SER A 70 -10.54 -36.93 23.52
C SER A 70 -11.80 -37.52 22.90
N SER A 71 -12.44 -36.79 22.00
CA SER A 71 -13.65 -37.29 21.36
C SER A 71 -13.35 -37.92 20.00
N TYR A 72 -12.08 -37.90 19.59
CA TYR A 72 -11.66 -38.47 18.32
C TYR A 72 -11.88 -39.98 18.22
N LYS A 73 -12.30 -40.43 17.04
CA LYS A 73 -12.55 -41.83 16.76
C LYS A 73 -11.82 -42.21 15.47
N HIS A 74 -10.86 -43.11 15.58
CA HIS A 74 -10.05 -43.58 14.46
C HIS A 74 -10.84 -44.38 13.41
N ASN A 75 -10.42 -44.25 12.16
CA ASN A 75 -11.02 -45.01 11.05
C ASN A 75 -9.87 -45.38 10.15
N GLY A 76 -9.20 -44.38 9.60
CA GLY A 76 -8.03 -44.63 8.77
C GLY A 76 -8.20 -44.94 7.30
N THR A 77 -9.43 -44.97 6.81
CA THR A 77 -9.64 -45.27 5.39
C THR A 77 -9.06 -44.15 4.52
N GLU A 78 -8.23 -44.56 3.56
CA GLU A 78 -7.58 -43.63 2.65
C GLU A 78 -8.56 -42.97 1.69
N LEU A 79 -8.38 -41.68 1.43
CA LEU A 79 -9.24 -41.01 0.47
C LEU A 79 -8.54 -39.87 -0.25
N THR A 80 -8.91 -39.71 -1.50
CA THR A 80 -8.37 -38.67 -2.35
C THR A 80 -9.56 -37.85 -2.83
N LEU A 81 -9.42 -36.53 -2.79
CA LEU A 81 -10.49 -35.63 -3.22
C LEU A 81 -9.95 -34.81 -4.40
N ARG A 82 -10.61 -34.93 -5.55
CA ARG A 82 -10.20 -34.24 -6.75
C ARG A 82 -11.12 -33.06 -7.12
N TYR A 83 -10.60 -31.84 -7.01
CA TYR A 83 -11.36 -30.66 -7.37
C TYR A 83 -10.93 -30.19 -8.75
N SER A 84 -11.59 -29.14 -9.26
CA SER A 84 -11.28 -28.57 -10.57
C SER A 84 -9.87 -27.97 -10.61
N THR A 85 -9.50 -27.28 -9.53
CA THR A 85 -8.20 -26.61 -9.46
C THR A 85 -7.13 -27.32 -8.64
N GLY A 86 -7.42 -28.50 -8.12
CA GLY A 86 -6.42 -29.17 -7.33
C GLY A 86 -6.91 -30.42 -6.61
N THR A 87 -5.97 -31.16 -6.04
CA THR A 87 -6.26 -32.40 -5.35
C THR A 87 -5.67 -32.50 -3.95
N VAL A 88 -6.38 -33.18 -3.06
CA VAL A 88 -5.89 -33.42 -1.71
C VAL A 88 -6.11 -34.88 -1.40
N SER A 89 -5.20 -35.44 -0.60
CA SER A 89 -5.31 -36.84 -0.23
C SER A 89 -4.98 -37.00 1.25
N GLY A 90 -5.56 -38.04 1.87
CA GLY A 90 -5.35 -38.30 3.28
C GLY A 90 -6.15 -39.50 3.75
N PHE A 91 -6.67 -39.44 4.96
CA PHE A 91 -7.44 -40.54 5.50
C PHE A 91 -8.62 -40.04 6.32
N LEU A 92 -9.61 -40.90 6.52
CA LEU A 92 -10.81 -40.59 7.27
C LEU A 92 -10.66 -40.67 8.79
N SER A 93 -11.40 -39.79 9.47
CA SER A 93 -11.42 -39.73 10.93
C SER A 93 -12.80 -39.24 11.34
N GLN A 94 -13.16 -39.51 12.59
CA GLN A 94 -14.45 -39.09 13.11
C GLN A 94 -14.23 -38.28 14.38
N ASP A 95 -15.04 -37.26 14.57
CA ASP A 95 -14.94 -36.46 15.77
C ASP A 95 -16.13 -35.53 15.77
N ILE A 96 -16.30 -34.78 16.85
CA ILE A 96 -17.42 -33.87 16.93
C ILE A 96 -17.06 -32.58 16.21
N ILE A 97 -17.98 -32.08 15.39
CA ILE A 97 -17.74 -30.84 14.67
C ILE A 97 -18.77 -29.79 15.07
N THR A 98 -18.28 -28.61 15.41
CA THR A 98 -19.16 -27.51 15.79
C THR A 98 -19.30 -26.59 14.59
N VAL A 99 -20.53 -26.37 14.15
CA VAL A 99 -20.79 -25.50 13.01
C VAL A 99 -21.97 -24.60 13.33
N GLY A 100 -21.71 -23.31 13.37
CA GLY A 100 -22.77 -22.35 13.65
C GLY A 100 -23.62 -22.64 14.88
N GLY A 101 -23.02 -23.22 15.91
CA GLY A 101 -23.79 -23.50 17.11
C GLY A 101 -24.30 -24.93 17.21
N ILE A 102 -24.38 -25.61 16.07
CA ILE A 102 -24.85 -26.99 16.04
C ILE A 102 -23.67 -27.95 16.22
N THR A 103 -23.88 -29.02 16.99
CA THR A 103 -22.83 -29.99 17.24
C THR A 103 -23.20 -31.35 16.64
N VAL A 104 -22.35 -31.86 15.75
CA VAL A 104 -22.61 -33.14 15.11
C VAL A 104 -21.37 -34.01 15.06
N THR A 105 -21.57 -35.32 15.17
CA THR A 105 -20.46 -36.26 15.09
C THR A 105 -20.31 -36.38 13.59
N GLN A 106 -19.09 -36.29 13.08
CA GLN A 106 -18.91 -36.33 11.64
C GLN A 106 -17.64 -37.05 11.20
N MET A 107 -17.74 -37.74 10.06
CA MET A 107 -16.59 -38.43 9.49
C MET A 107 -16.03 -37.41 8.52
N PHE A 108 -14.74 -37.13 8.64
CA PHE A 108 -14.12 -36.15 7.76
C PHE A 108 -12.74 -36.62 7.35
N GLY A 109 -12.16 -35.92 6.39
CA GLY A 109 -10.82 -36.29 5.95
C GLY A 109 -9.71 -35.51 6.63
N GLU A 110 -8.66 -36.22 7.01
CA GLU A 110 -7.47 -35.60 7.59
C GLU A 110 -6.51 -35.62 6.40
N VAL A 111 -6.20 -34.45 5.85
CA VAL A 111 -5.33 -34.38 4.67
C VAL A 111 -3.84 -34.37 4.99
N THR A 112 -3.10 -35.28 4.35
CA THR A 112 -1.64 -35.40 4.57
C THR A 112 -0.84 -35.03 3.31
N GLU A 113 -1.54 -34.73 2.23
CA GLU A 113 -0.87 -34.35 0.97
C GLU A 113 -1.68 -33.19 0.43
N MET A 114 -1.06 -32.02 0.41
CA MET A 114 -1.74 -30.80 0.00
C MET A 114 -0.77 -29.93 -0.78
N PRO A 115 -0.79 -30.05 -2.11
CA PRO A 115 0.09 -29.30 -3.02
C PRO A 115 0.17 -27.78 -2.84
N ALA A 116 1.40 -27.27 -2.84
CA ALA A 116 1.68 -25.84 -2.68
C ALA A 116 0.81 -25.01 -3.63
N LEU A 117 0.69 -25.48 -4.86
CA LEU A 117 -0.16 -24.83 -5.84
C LEU A 117 -1.28 -25.85 -5.95
N PRO A 118 -2.53 -25.42 -5.68
CA PRO A 118 -2.90 -24.05 -5.30
C PRO A 118 -3.08 -23.73 -3.82
N PHE A 119 -2.87 -24.69 -2.93
CA PHE A 119 -3.14 -24.40 -1.52
C PHE A 119 -2.35 -23.35 -0.77
N MET A 120 -1.19 -22.97 -1.27
CA MET A 120 -0.43 -21.92 -0.61
C MET A 120 -1.19 -20.60 -0.81
N LEU A 121 -2.04 -20.58 -1.82
CA LEU A 121 -2.83 -19.38 -2.14
C LEU A 121 -4.20 -19.41 -1.45
N ALA A 122 -4.44 -20.43 -0.63
CA ALA A 122 -5.71 -20.56 0.08
C ALA A 122 -5.68 -19.88 1.43
N GLU A 123 -6.67 -19.01 1.66
CA GLU A 123 -6.80 -18.32 2.93
C GLU A 123 -7.40 -19.33 3.92
N PHE A 124 -8.33 -20.15 3.42
CA PHE A 124 -8.97 -21.16 4.23
C PHE A 124 -8.07 -22.36 4.44
N ASP A 125 -8.43 -23.18 5.43
CA ASP A 125 -7.69 -24.39 5.75
C ASP A 125 -8.32 -25.63 5.08
N GLY A 126 -9.65 -25.68 5.09
CA GLY A 126 -10.30 -26.83 4.49
C GLY A 126 -11.61 -26.53 3.82
N VAL A 127 -12.38 -27.59 3.59
CA VAL A 127 -13.68 -27.49 2.91
C VAL A 127 -14.75 -28.33 3.58
N VAL A 128 -15.97 -27.81 3.58
CA VAL A 128 -17.11 -28.52 4.11
C VAL A 128 -18.07 -28.73 2.95
N GLY A 129 -18.15 -29.97 2.45
CA GLY A 129 -19.05 -30.25 1.35
C GLY A 129 -20.52 -30.11 1.73
N MET A 130 -21.28 -29.39 0.92
CA MET A 130 -22.69 -29.21 1.18
C MET A 130 -23.53 -29.94 0.15
N GLY A 131 -22.86 -30.75 -0.68
CA GLY A 131 -23.54 -31.53 -1.71
C GLY A 131 -24.23 -32.77 -1.15
N PHE A 132 -24.81 -33.57 -2.04
CA PHE A 132 -25.52 -34.79 -1.64
C PHE A 132 -24.58 -35.96 -1.43
N ILE A 133 -25.04 -36.97 -0.70
CA ILE A 133 -24.23 -38.15 -0.43
C ILE A 133 -23.88 -38.92 -1.71
N GLU A 134 -24.69 -38.76 -2.76
CA GLU A 134 -24.43 -39.44 -4.03
C GLU A 134 -23.08 -39.04 -4.63
N GLN A 135 -22.59 -37.86 -4.28
CA GLN A 135 -21.30 -37.39 -4.82
C GLN A 135 -20.18 -37.46 -3.79
N ALA A 136 -20.48 -37.99 -2.60
CA ALA A 136 -19.47 -38.09 -1.55
C ALA A 136 -18.47 -39.20 -1.85
N ILE A 137 -17.19 -38.88 -1.73
CA ILE A 137 -16.15 -39.86 -1.97
C ILE A 137 -16.11 -40.80 -0.76
N GLY A 138 -15.95 -42.10 -1.02
CA GLY A 138 -15.91 -43.07 0.07
C GLY A 138 -17.25 -43.24 0.77
N ARG A 139 -18.31 -42.75 0.15
CA ARG A 139 -19.66 -42.87 0.72
C ARG A 139 -19.70 -42.42 2.19
N VAL A 140 -19.14 -41.26 2.48
CA VAL A 140 -19.14 -40.73 3.83
C VAL A 140 -20.38 -39.84 3.97
N THR A 141 -21.16 -40.03 5.01
CA THR A 141 -22.37 -39.22 5.19
C THR A 141 -21.99 -37.72 5.25
N PRO A 142 -22.61 -36.89 4.39
CA PRO A 142 -22.31 -35.46 4.38
C PRO A 142 -22.79 -34.78 5.66
N ILE A 143 -22.09 -33.74 6.07
CA ILE A 143 -22.44 -33.02 7.28
C ILE A 143 -23.87 -32.50 7.32
N PHE A 144 -24.45 -32.14 6.19
CA PHE A 144 -25.82 -31.63 6.28
C PHE A 144 -26.83 -32.75 6.51
N ASP A 145 -26.52 -33.95 6.05
CA ASP A 145 -27.42 -35.07 6.28
C ASP A 145 -27.40 -35.41 7.77
N ASN A 146 -26.22 -35.31 8.37
CA ASN A 146 -26.04 -35.60 9.80
C ASN A 146 -26.79 -34.61 10.67
N ILE A 147 -26.79 -33.35 10.27
CA ILE A 147 -27.48 -32.30 11.03
C ILE A 147 -28.99 -32.52 10.92
N ILE A 148 -29.46 -32.85 9.72
CA ILE A 148 -30.87 -33.10 9.49
C ILE A 148 -31.34 -34.28 10.35
N SER A 149 -30.49 -35.30 10.48
CA SER A 149 -30.83 -36.48 11.26
C SER A 149 -31.10 -36.14 12.72
N GLN A 150 -30.65 -34.97 13.17
CA GLN A 150 -30.88 -34.56 14.54
C GLN A 150 -32.30 -34.06 14.72
N GLY A 151 -32.92 -33.65 13.61
CA GLY A 151 -34.28 -33.15 13.65
C GLY A 151 -34.41 -31.90 14.50
N VAL A 152 -33.50 -30.95 14.30
CA VAL A 152 -33.52 -29.71 15.06
C VAL A 152 -33.82 -28.51 14.15
N LEU A 153 -33.46 -28.63 12.88
CA LEU A 153 -33.70 -27.55 11.92
C LEU A 153 -35.20 -27.41 11.64
N LYS A 154 -35.65 -26.18 11.41
CA LYS A 154 -37.06 -25.97 11.12
C LYS A 154 -37.38 -26.28 9.66
N GLU A 155 -36.35 -26.35 8.83
CA GLU A 155 -36.51 -26.66 7.41
C GLU A 155 -35.25 -27.36 6.91
N ASP A 156 -35.44 -28.32 6.01
CA ASP A 156 -34.33 -29.05 5.41
C ASP A 156 -33.75 -28.23 4.26
N VAL A 157 -33.31 -27.01 4.59
CA VAL A 157 -32.73 -26.12 3.58
C VAL A 157 -31.60 -25.27 4.18
N PHE A 158 -30.67 -24.83 3.33
CA PHE A 158 -29.61 -23.93 3.78
C PHE A 158 -29.48 -22.81 2.74
N SER A 159 -29.06 -21.63 3.18
CA SER A 159 -28.95 -20.47 2.29
C SER A 159 -27.63 -19.70 2.34
N PHE A 160 -27.19 -19.21 1.18
CA PHE A 160 -25.95 -18.46 1.04
C PHE A 160 -26.10 -17.00 0.68
N TYR A 161 -25.39 -16.17 1.42
CA TYR A 161 -25.35 -14.74 1.16
C TYR A 161 -23.87 -14.40 1.03
N TYR A 162 -23.45 -13.91 -0.13
CA TYR A 162 -22.05 -13.54 -0.34
C TYR A 162 -22.00 -12.02 -0.60
N ASN A 163 -21.41 -11.27 0.33
CA ASN A 163 -21.31 -9.82 0.21
C ASN A 163 -20.24 -9.38 -0.80
N ARG A 164 -20.25 -8.09 -1.12
CA ARG A 164 -19.25 -7.53 -2.01
C ARG A 164 -17.98 -7.36 -1.18
N ASP A 165 -16.84 -7.41 -1.85
CA ASP A 165 -15.52 -7.29 -1.22
C ASP A 165 -15.43 -6.33 -0.05
N SER A 166 -15.89 -5.09 -0.23
CA SER A 166 -15.84 -4.09 0.83
C SER A 166 -14.51 -4.04 1.58
N GLU A 167 -14.58 -3.79 2.88
CA GLU A 167 -13.42 -3.70 3.76
C GLU A 167 -12.78 -2.31 3.68
N ASN A 168 -12.37 -1.92 2.56
N LEU A 172 -20.20 -7.45 7.03
CA LEU A 172 -19.90 -8.92 7.07
C LEU A 172 -19.60 -9.44 5.68
N GLY A 173 -18.62 -10.35 5.61
CA GLY A 173 -18.21 -10.92 4.34
C GLY A 173 -19.25 -11.78 3.66
N GLY A 174 -20.11 -12.41 4.46
CA GLY A 174 -21.13 -13.27 3.89
C GLY A 174 -21.82 -14.04 4.99
N GLN A 175 -22.78 -14.88 4.64
CA GLN A 175 -23.50 -15.64 5.67
C GLN A 175 -24.28 -16.84 5.17
N ILE A 176 -24.16 -17.93 5.92
CA ILE A 176 -24.87 -19.15 5.60
C ILE A 176 -25.89 -19.39 6.70
N VAL A 177 -27.09 -19.77 6.31
CA VAL A 177 -28.11 -20.05 7.29
C VAL A 177 -28.49 -21.51 7.15
N LEU A 178 -28.36 -22.24 8.25
CA LEU A 178 -28.74 -23.64 8.27
C LEU A 178 -30.17 -23.67 8.82
N GLY A 179 -31.09 -24.23 8.04
CA GLY A 179 -32.48 -24.31 8.48
C GLY A 179 -33.45 -23.31 7.86
N GLY A 180 -32.96 -22.37 7.07
CA GLY A 180 -33.84 -21.40 6.45
C GLY A 180 -33.14 -20.33 5.63
N SER A 181 -33.70 -19.12 5.64
CA SER A 181 -33.16 -17.99 4.91
C SER A 181 -33.26 -16.75 5.76
N ASP A 182 -32.41 -15.76 5.47
CA ASP A 182 -32.40 -14.53 6.23
C ASP A 182 -32.97 -13.38 5.40
N PRO A 183 -34.24 -13.00 5.67
CA PRO A 183 -34.95 -11.92 4.97
C PRO A 183 -34.15 -10.62 4.93
N GLN A 184 -33.20 -10.50 5.85
CA GLN A 184 -32.38 -9.31 5.93
C GLN A 184 -31.43 -9.14 4.73
N HIS A 185 -31.11 -10.23 4.05
CA HIS A 185 -30.18 -10.14 2.93
C HIS A 185 -30.73 -10.39 1.53
N TYR A 186 -32.05 -10.34 1.38
CA TYR A 186 -32.67 -10.51 0.06
C TYR A 186 -34.00 -9.79 0.03
N GLU A 187 -34.46 -9.47 -1.17
CA GLU A 187 -35.73 -8.78 -1.33
C GLU A 187 -36.50 -9.39 -2.48
N GLY A 188 -37.78 -9.04 -2.58
CA GLY A 188 -38.61 -9.61 -3.62
C GLY A 188 -38.86 -11.01 -3.13
N ASN A 189 -39.37 -11.91 -3.96
CA ASN A 189 -39.56 -13.26 -3.48
C ASN A 189 -38.67 -14.24 -4.23
N PHE A 190 -38.60 -15.46 -3.71
CA PHE A 190 -37.78 -16.47 -4.35
C PHE A 190 -38.49 -17.04 -5.56
N HIS A 191 -37.69 -17.49 -6.51
CA HIS A 191 -38.19 -18.11 -7.72
C HIS A 191 -37.38 -19.39 -7.81
N TYR A 192 -38.06 -20.51 -7.67
CA TYR A 192 -37.41 -21.80 -7.66
C TYR A 192 -37.31 -22.52 -8.98
N ILE A 193 -36.26 -23.31 -9.10
CA ILE A 193 -36.00 -24.14 -10.27
C ILE A 193 -35.79 -25.53 -9.67
N ASN A 194 -36.49 -26.53 -10.19
CA ASN A 194 -36.32 -27.88 -9.68
C ASN A 194 -34.99 -28.47 -10.10
N LEU A 195 -34.41 -29.29 -9.24
CA LEU A 195 -33.15 -29.92 -9.56
C LEU A 195 -33.41 -30.94 -10.66
N ILE A 196 -32.45 -31.05 -11.58
CA ILE A 196 -32.55 -32.01 -12.66
C ILE A 196 -32.67 -33.40 -12.06
N LYS A 197 -31.98 -33.61 -10.95
CA LYS A 197 -31.95 -34.90 -10.26
C LYS A 197 -31.43 -34.71 -8.83
N THR A 198 -31.82 -35.58 -7.91
CA THR A 198 -31.31 -35.49 -6.55
C THR A 198 -29.86 -35.96 -6.62
N GLY A 199 -29.05 -35.57 -5.64
CA GLY A 199 -27.66 -35.99 -5.65
C GLY A 199 -26.72 -34.93 -6.19
N VAL A 200 -27.27 -33.91 -6.85
CA VAL A 200 -26.45 -32.84 -7.42
C VAL A 200 -27.18 -31.51 -7.47
N TRP A 201 -26.55 -30.45 -6.95
CA TRP A 201 -27.17 -29.13 -6.96
C TRP A 201 -27.02 -28.53 -8.35
N GLN A 202 -27.55 -29.24 -9.34
CA GLN A 202 -27.46 -28.81 -10.74
C GLN A 202 -28.87 -28.56 -11.29
N ILE A 203 -29.01 -27.52 -12.10
CA ILE A 203 -30.32 -27.19 -12.67
C ILE A 203 -30.26 -26.91 -14.16
N GLN A 204 -31.41 -27.01 -14.80
CA GLN A 204 -31.51 -26.75 -16.22
C GLN A 204 -31.41 -25.25 -16.46
N MET A 205 -30.68 -24.86 -17.50
CA MET A 205 -30.52 -23.47 -17.86
C MET A 205 -31.06 -23.34 -19.29
N LYS A 206 -32.11 -22.54 -19.47
CA LYS A 206 -32.72 -22.38 -20.78
C LYS A 206 -31.92 -21.57 -21.79
N GLY A 207 -30.92 -20.83 -21.33
CA GLY A 207 -30.13 -20.05 -22.27
C GLY A 207 -29.28 -18.96 -21.64
N VAL A 208 -28.24 -18.53 -22.36
CA VAL A 208 -27.35 -17.49 -21.88
C VAL A 208 -27.23 -16.41 -22.95
N SER A 209 -27.54 -15.17 -22.58
CA SER A 209 -27.45 -14.08 -23.54
C SER A 209 -26.42 -13.00 -23.18
N VAL A 210 -25.73 -12.52 -24.20
CA VAL A 210 -24.72 -11.48 -24.05
C VAL A 210 -25.14 -10.26 -24.83
N GLY A 211 -25.36 -9.14 -24.13
CA GLY A 211 -25.79 -7.94 -24.81
C GLY A 211 -27.07 -8.25 -25.57
N SER A 212 -27.06 -8.01 -26.88
CA SER A 212 -28.25 -8.30 -27.67
C SER A 212 -27.95 -9.41 -28.69
N SER A 213 -28.03 -10.66 -28.21
CA SER A 213 -27.79 -11.85 -29.03
C SER A 213 -27.62 -13.09 -28.13
N THR A 214 -28.71 -13.84 -27.95
CA THR A 214 -28.66 -15.05 -27.14
C THR A 214 -27.88 -16.10 -27.92
N LEU A 215 -26.60 -15.81 -28.13
CA LEU A 215 -25.71 -16.69 -28.88
C LEU A 215 -25.07 -17.82 -28.08
N LEU A 216 -25.62 -18.11 -26.89
CA LEU A 216 -25.05 -19.16 -26.06
C LEU A 216 -26.09 -20.08 -25.42
N CYS A 217 -25.68 -21.31 -25.16
CA CYS A 217 -26.56 -22.29 -24.53
C CYS A 217 -27.94 -22.33 -25.20
N GLU A 218 -27.94 -22.22 -26.53
CA GLU A 218 -29.19 -22.29 -27.28
C GLU A 218 -29.59 -23.76 -27.14
N ASP A 219 -30.88 -24.05 -27.14
CA ASP A 219 -31.32 -25.44 -27.01
C ASP A 219 -31.11 -25.99 -25.60
N GLY A 220 -30.73 -25.12 -24.66
CA GLY A 220 -30.54 -25.56 -23.29
C GLY A 220 -29.17 -26.11 -22.90
N CYS A 221 -28.92 -26.13 -21.60
CA CYS A 221 -27.65 -26.62 -21.05
C CYS A 221 -27.82 -26.77 -19.52
N LEU A 222 -26.75 -27.17 -18.84
CA LEU A 222 -26.79 -27.37 -17.40
C LEU A 222 -26.10 -26.27 -16.60
N ALA A 223 -26.59 -26.03 -15.39
CA ALA A 223 -26.00 -25.03 -14.51
C ALA A 223 -25.85 -25.61 -13.10
N LEU A 224 -24.60 -25.76 -12.68
CA LEU A 224 -24.27 -26.29 -11.36
C LEU A 224 -24.18 -25.06 -10.43
N VAL A 225 -25.05 -25.00 -9.41
CA VAL A 225 -25.03 -23.86 -8.49
C VAL A 225 -23.99 -24.20 -7.45
N ASP A 226 -22.81 -23.62 -7.65
CA ASP A 226 -21.63 -23.92 -6.84
C ASP A 226 -21.10 -22.81 -5.92
N THR A 227 -21.43 -22.90 -4.63
CA THR A 227 -20.96 -21.92 -3.65
C THR A 227 -19.43 -21.95 -3.47
N GLY A 228 -18.81 -23.07 -3.83
CA GLY A 228 -17.37 -23.20 -3.66
C GLY A 228 -16.56 -22.66 -4.83
N ALA A 229 -17.24 -22.32 -5.91
CA ALA A 229 -16.56 -21.79 -7.08
C ALA A 229 -16.49 -20.27 -6.98
N SER A 230 -15.30 -19.72 -7.21
CA SER A 230 -15.12 -18.28 -7.14
C SER A 230 -15.84 -17.58 -8.26
N TYR A 231 -15.85 -18.20 -9.44
CA TYR A 231 -16.44 -17.57 -10.59
C TYR A 231 -17.59 -18.31 -11.25
N ILE A 232 -18.12 -17.67 -12.29
CA ILE A 232 -19.17 -18.25 -13.12
C ILE A 232 -18.33 -18.90 -14.21
N SER A 233 -18.55 -20.19 -14.46
CA SER A 233 -17.78 -20.86 -15.49
C SER A 233 -18.63 -21.57 -16.53
N GLY A 234 -18.04 -21.74 -17.71
CA GLY A 234 -18.69 -22.42 -18.80
C GLY A 234 -17.64 -23.29 -19.44
N SER A 235 -18.04 -24.16 -20.36
CA SER A 235 -17.09 -25.03 -21.04
C SER A 235 -16.17 -24.16 -21.87
N THR A 236 -15.04 -24.71 -22.28
CA THR A 236 -14.09 -23.98 -23.09
C THR A 236 -14.72 -23.38 -24.34
N SER A 237 -15.57 -24.15 -25.02
CA SER A 237 -16.22 -23.66 -26.24
C SER A 237 -17.17 -22.52 -25.97
N SER A 238 -17.95 -22.65 -24.92
CA SER A 238 -18.93 -21.62 -24.57
C SER A 238 -18.26 -20.31 -24.18
N ILE A 239 -17.23 -20.41 -23.35
CA ILE A 239 -16.51 -19.23 -22.87
C ILE A 239 -15.77 -18.53 -24.00
N GLU A 240 -15.24 -19.30 -24.95
CA GLU A 240 -14.54 -18.71 -26.09
C GLU A 240 -15.52 -17.77 -26.80
N LYS A 241 -16.71 -18.27 -27.08
CA LYS A 241 -17.71 -17.45 -27.75
C LYS A 241 -18.08 -16.22 -26.91
N LEU A 242 -18.44 -16.45 -25.64
CA LEU A 242 -18.82 -15.36 -24.76
C LEU A 242 -17.74 -14.30 -24.69
N MET A 243 -16.49 -14.73 -24.58
CA MET A 243 -15.38 -13.79 -24.51
C MET A 243 -15.14 -13.05 -25.82
N GLU A 244 -15.20 -13.76 -26.94
CA GLU A 244 -15.01 -13.10 -28.23
C GLU A 244 -16.02 -11.96 -28.32
N ALA A 245 -17.24 -12.24 -27.87
CA ALA A 245 -18.31 -11.25 -27.89
C ALA A 245 -17.99 -10.07 -26.97
N LEU A 246 -17.18 -10.30 -25.95
CA LEU A 246 -16.82 -9.26 -24.99
C LEU A 246 -15.58 -8.46 -25.41
N GLY A 247 -14.80 -9.01 -26.34
CA GLY A 247 -13.60 -8.34 -26.78
C GLY A 247 -12.47 -8.61 -25.81
N ALA A 248 -12.63 -9.67 -25.02
CA ALA A 248 -11.62 -10.04 -24.02
C ALA A 248 -10.50 -10.93 -24.57
N LYS A 249 -9.30 -10.76 -24.04
CA LYS A 249 -8.14 -11.55 -24.46
C LYS A 249 -7.94 -12.68 -23.46
N LYS A 250 -7.56 -13.84 -23.96
CA LYS A 250 -7.34 -14.99 -23.10
C LYS A 250 -5.91 -15.08 -22.60
N ARG A 251 -5.76 -15.53 -21.36
CA ARG A 251 -4.45 -15.70 -20.75
C ARG A 251 -4.41 -17.14 -20.23
N LEU A 252 -3.33 -17.48 -19.53
CA LEU A 252 -3.17 -18.84 -19.02
C LEU A 252 -4.29 -19.28 -18.09
N PHE A 253 -4.60 -18.48 -17.09
CA PHE A 253 -5.63 -18.83 -16.12
C PHE A 253 -6.91 -18.01 -16.14
N ASP A 254 -7.00 -16.99 -16.99
CA ASP A 254 -8.20 -16.17 -17.02
C ASP A 254 -8.35 -15.40 -18.33
N TYR A 255 -9.30 -14.46 -18.31
CA TYR A 255 -9.57 -13.60 -19.45
C TYR A 255 -9.47 -12.15 -18.94
N VAL A 256 -8.88 -11.28 -19.74
CA VAL A 256 -8.75 -9.88 -19.36
C VAL A 256 -9.33 -8.97 -20.42
N VAL A 257 -9.47 -7.72 -20.03
CA VAL A 257 -9.99 -6.70 -20.91
C VAL A 257 -9.19 -5.47 -20.49
N LYS A 258 -8.98 -4.53 -21.40
CA LYS A 258 -8.26 -3.32 -21.03
C LYS A 258 -9.20 -2.61 -20.05
N CYS A 259 -8.71 -2.26 -18.88
CA CYS A 259 -9.55 -1.65 -17.86
C CYS A 259 -10.49 -0.56 -18.32
N ASN A 260 -9.99 0.39 -19.10
CA ASN A 260 -10.82 1.50 -19.57
C ASN A 260 -12.11 1.04 -20.24
N GLU A 261 -12.17 -0.22 -20.66
CA GLU A 261 -13.37 -0.72 -21.31
C GLU A 261 -14.24 -1.64 -20.46
N GLY A 262 -13.87 -1.80 -19.20
CA GLY A 262 -14.65 -2.66 -18.33
C GLY A 262 -16.07 -2.15 -18.18
N PRO A 263 -16.26 -0.86 -17.85
CA PRO A 263 -17.60 -0.30 -17.70
C PRO A 263 -18.47 -0.37 -18.96
N THR A 264 -17.83 -0.55 -20.11
CA THR A 264 -18.57 -0.59 -21.38
C THR A 264 -19.06 -1.98 -21.76
N LEU A 265 -18.57 -3.01 -21.08
CA LEU A 265 -18.96 -4.37 -21.38
C LEU A 265 -20.47 -4.57 -21.20
N PRO A 266 -21.08 -5.33 -22.11
CA PRO A 266 -22.52 -5.61 -22.09
C PRO A 266 -22.98 -6.49 -20.94
N ASP A 267 -24.28 -6.51 -20.73
CA ASP A 267 -24.88 -7.33 -19.69
C ASP A 267 -24.81 -8.78 -20.11
N ILE A 268 -24.73 -9.68 -19.13
CA ILE A 268 -24.72 -11.11 -19.40
C ILE A 268 -25.94 -11.59 -18.65
N SER A 269 -26.82 -12.35 -19.31
CA SER A 269 -28.03 -12.83 -18.67
C SER A 269 -28.09 -14.36 -18.66
N PHE A 270 -28.69 -14.91 -17.62
CA PHE A 270 -28.82 -16.35 -17.48
C PHE A 270 -30.27 -16.74 -17.27
N HIS A 271 -30.85 -17.42 -18.27
CA HIS A 271 -32.24 -17.83 -18.20
C HIS A 271 -32.41 -19.07 -17.32
N LEU A 272 -32.98 -18.87 -16.13
CA LEU A 272 -33.19 -19.99 -15.21
C LEU A 272 -34.64 -20.09 -14.74
N GLY A 273 -35.25 -21.24 -15.00
CA GLY A 273 -36.62 -21.49 -14.59
C GLY A 273 -37.62 -20.41 -14.95
N GLY A 274 -37.56 -19.91 -16.19
CA GLY A 274 -38.50 -18.87 -16.59
C GLY A 274 -38.25 -17.49 -16.03
N LYS A 275 -37.01 -17.21 -15.63
CA LYS A 275 -36.64 -15.90 -15.10
C LYS A 275 -35.27 -15.54 -15.64
N GLU A 276 -35.05 -14.28 -15.96
CA GLU A 276 -33.76 -13.84 -16.48
C GLU A 276 -32.90 -13.24 -15.37
N TYR A 277 -31.75 -13.86 -15.11
CA TYR A 277 -30.83 -13.38 -14.09
C TYR A 277 -29.71 -12.66 -14.80
N THR A 278 -29.70 -11.34 -14.66
CA THR A 278 -28.76 -10.48 -15.35
C THR A 278 -27.62 -9.85 -14.56
N LEU A 279 -26.42 -9.96 -15.11
CA LEU A 279 -25.26 -9.36 -14.50
C LEU A 279 -24.79 -8.20 -15.36
N THR A 280 -24.37 -7.13 -14.71
CA THR A 280 -23.87 -5.94 -15.39
C THR A 280 -22.34 -6.11 -15.41
N SER A 281 -21.64 -5.28 -16.17
CA SER A 281 -20.18 -5.41 -16.20
C SER A 281 -19.59 -5.16 -14.81
N ALA A 282 -20.21 -4.27 -14.04
CA ALA A 282 -19.74 -3.98 -12.69
C ALA A 282 -19.81 -5.26 -11.86
N ASP A 283 -20.76 -6.14 -12.22
CA ASP A 283 -20.95 -7.39 -11.50
C ASP A 283 -19.92 -8.48 -11.84
N TYR A 284 -19.34 -8.45 -13.03
CA TYR A 284 -18.40 -9.51 -13.40
C TYR A 284 -16.96 -9.10 -13.70
N VAL A 285 -16.64 -7.82 -13.72
CA VAL A 285 -15.27 -7.44 -13.97
C VAL A 285 -14.60 -6.88 -12.72
N PHE A 286 -13.35 -7.26 -12.48
CA PHE A 286 -12.63 -6.74 -11.33
C PHE A 286 -12.09 -5.38 -11.77
N GLN A 287 -12.91 -4.36 -11.61
CA GLN A 287 -12.54 -3.00 -12.01
C GLN A 287 -11.48 -2.44 -11.06
N GLU A 288 -10.22 -2.78 -11.34
CA GLU A 288 -9.07 -2.37 -10.52
C GLU A 288 -8.67 -0.92 -10.78
N SER A 289 -8.82 -0.48 -12.03
CA SER A 289 -8.51 0.89 -12.43
C SER A 289 -9.28 1.15 -13.71
N TYR A 290 -9.01 2.28 -14.36
CA TYR A 290 -9.70 2.64 -15.59
C TYR A 290 -8.71 2.93 -16.73
N SER A 291 -7.42 2.76 -16.46
CA SER A 291 -6.39 3.02 -17.46
C SER A 291 -6.46 2.08 -18.65
N SER A 292 -6.10 2.58 -19.83
CA SER A 292 -6.08 1.76 -21.02
C SER A 292 -4.74 1.05 -21.13
N LYS A 293 -3.86 1.34 -20.18
CA LYS A 293 -2.53 0.72 -20.17
C LYS A 293 -2.52 -0.44 -19.18
N LYS A 294 -3.67 -0.74 -18.59
CA LYS A 294 -3.76 -1.83 -17.63
C LYS A 294 -4.78 -2.89 -18.01
N LEU A 295 -4.60 -4.08 -17.47
CA LEU A 295 -5.51 -5.17 -17.76
C LEU A 295 -6.36 -5.45 -16.53
N CYS A 296 -7.62 -5.75 -16.77
CA CYS A 296 -8.55 -6.05 -15.69
C CYS A 296 -9.16 -7.44 -15.94
N THR A 297 -9.07 -8.31 -14.93
CA THR A 297 -9.59 -9.68 -15.03
C THR A 297 -11.12 -9.71 -14.95
N LEU A 298 -11.71 -10.77 -15.49
CA LEU A 298 -13.15 -10.95 -15.47
C LEU A 298 -13.48 -12.14 -14.57
N ALA A 299 -14.58 -12.02 -13.82
CA ALA A 299 -15.00 -13.06 -12.90
C ALA A 299 -15.76 -14.21 -13.58
N ILE A 300 -15.43 -14.45 -14.84
CA ILE A 300 -16.05 -15.51 -15.61
C ILE A 300 -14.89 -16.30 -16.23
N HIS A 301 -14.84 -17.60 -15.96
CA HIS A 301 -13.75 -18.41 -16.48
C HIS A 301 -14.22 -19.57 -17.33
N ALA A 302 -13.25 -20.27 -17.89
CA ALA A 302 -13.51 -21.45 -18.70
C ALA A 302 -13.15 -22.61 -17.79
N MET A 303 -14.08 -23.54 -17.61
CA MET A 303 -13.81 -24.69 -16.77
C MET A 303 -14.56 -25.90 -17.29
N ASP A 304 -13.82 -26.90 -17.72
CA ASP A 304 -14.41 -28.11 -18.25
C ASP A 304 -14.61 -29.12 -17.13
N ILE A 305 -15.85 -29.21 -16.67
CA ILE A 305 -16.22 -30.12 -15.61
C ILE A 305 -16.59 -31.47 -16.23
N PRO A 306 -15.86 -32.53 -15.87
CA PRO A 306 -16.02 -33.90 -16.34
C PRO A 306 -17.31 -34.60 -15.95
N PRO A 307 -17.75 -35.55 -16.79
CA PRO A 307 -18.98 -36.34 -16.57
C PRO A 307 -18.86 -37.13 -15.27
N PRO A 308 -19.99 -37.60 -14.72
CA PRO A 308 -21.33 -37.40 -15.28
C PRO A 308 -21.93 -36.02 -14.99
N THR A 309 -21.38 -35.33 -13.99
CA THR A 309 -21.86 -34.00 -13.62
C THR A 309 -21.74 -32.99 -14.76
N GLY A 310 -20.62 -33.04 -15.48
CA GLY A 310 -20.40 -32.14 -16.59
C GLY A 310 -20.53 -32.86 -17.93
N PRO A 311 -20.42 -32.15 -19.06
CA PRO A 311 -20.16 -30.71 -19.15
C PRO A 311 -21.28 -29.91 -18.48
N THR A 312 -20.96 -28.69 -18.06
CA THR A 312 -21.94 -27.84 -17.39
C THR A 312 -21.35 -26.48 -17.04
N TRP A 313 -22.23 -25.49 -16.92
CA TRP A 313 -21.80 -24.17 -16.52
C TRP A 313 -21.77 -24.26 -14.99
N ALA A 314 -21.04 -23.36 -14.34
CA ALA A 314 -20.97 -23.33 -12.88
C ALA A 314 -21.28 -21.90 -12.41
N LEU A 315 -22.28 -21.76 -11.56
CA LEU A 315 -22.65 -20.46 -11.03
C LEU A 315 -22.08 -20.30 -9.62
N GLY A 316 -20.91 -19.65 -9.55
CA GLY A 316 -20.26 -19.45 -8.28
C GLY A 316 -20.51 -18.10 -7.62
N ALA A 317 -19.52 -17.64 -6.84
CA ALA A 317 -19.61 -16.38 -6.11
C ALA A 317 -20.03 -15.18 -6.96
N THR A 318 -19.48 -15.08 -8.18
CA THR A 318 -19.82 -13.97 -9.04
C THR A 318 -21.34 -13.84 -9.17
N PHE A 319 -22.00 -14.99 -9.28
CA PHE A 319 -23.46 -15.03 -9.42
C PHE A 319 -24.17 -14.89 -8.07
N ILE A 320 -23.70 -15.63 -7.08
CA ILE A 320 -24.31 -15.60 -5.76
C ILE A 320 -24.26 -14.22 -5.10
N ARG A 321 -23.23 -13.43 -5.41
CA ARG A 321 -23.09 -12.08 -4.86
C ARG A 321 -24.31 -11.25 -5.26
N LYS A 322 -24.82 -11.50 -6.46
CA LYS A 322 -25.97 -10.78 -6.96
C LYS A 322 -27.28 -11.40 -6.49
N PHE A 323 -27.32 -12.72 -6.40
CA PHE A 323 -28.55 -13.38 -5.99
C PHE A 323 -28.45 -14.31 -4.78
N TYR A 324 -29.15 -13.92 -3.72
CA TYR A 324 -29.20 -14.71 -2.52
C TYR A 324 -29.68 -16.08 -2.97
N THR A 325 -29.05 -17.14 -2.50
CA THR A 325 -29.41 -18.49 -2.94
C THR A 325 -29.83 -19.43 -1.81
N GLU A 326 -30.94 -20.12 -2.01
CA GLU A 326 -31.49 -21.06 -1.05
C GLU A 326 -31.45 -22.46 -1.65
N PHE A 327 -30.86 -23.40 -0.93
CA PHE A 327 -30.80 -24.78 -1.41
C PHE A 327 -31.81 -25.57 -0.57
N ASP A 328 -32.85 -26.05 -1.24
CA ASP A 328 -33.93 -26.78 -0.58
C ASP A 328 -33.84 -28.30 -0.74
N ARG A 329 -33.39 -28.97 0.32
CA ARG A 329 -33.27 -30.43 0.30
C ARG A 329 -34.62 -31.14 0.34
N ARG A 330 -35.59 -30.57 1.06
CA ARG A 330 -36.90 -31.21 1.16
C ARG A 330 -37.65 -31.28 -0.16
N ASN A 331 -37.43 -30.30 -1.04
CA ASN A 331 -38.13 -30.29 -2.32
C ASN A 331 -37.24 -30.39 -3.54
N ASN A 332 -35.97 -30.74 -3.34
CA ASN A 332 -34.98 -30.84 -4.42
C ASN A 332 -35.11 -29.70 -5.43
N ARG A 333 -34.97 -28.48 -4.91
CA ARG A 333 -35.08 -27.27 -5.71
C ARG A 333 -34.07 -26.24 -5.23
N ILE A 334 -33.88 -25.21 -6.04
CA ILE A 334 -32.98 -24.12 -5.71
C ILE A 334 -33.75 -22.84 -5.96
N GLY A 335 -33.67 -21.91 -5.00
CA GLY A 335 -34.37 -20.66 -5.13
C GLY A 335 -33.45 -19.46 -5.19
N PHE A 336 -33.79 -18.50 -6.03
CA PHE A 336 -33.00 -17.29 -6.17
C PHE A 336 -33.84 -16.07 -5.82
N ALA A 337 -33.18 -15.06 -5.28
CA ALA A 337 -33.83 -13.81 -4.92
C ALA A 337 -32.78 -12.72 -4.91
N LEU A 338 -33.16 -11.51 -5.31
CA LEU A 338 -32.24 -10.37 -5.35
C LEU A 338 -31.55 -10.13 -4.02
N ALA A 339 -30.22 -10.23 -4.00
CA ALA A 339 -29.46 -10.01 -2.78
C ALA A 339 -29.57 -8.56 -2.32
N ARG A 340 -29.61 -8.37 -1.01
CA ARG A 340 -29.73 -7.04 -0.42
C ARG A 340 -28.45 -6.73 0.37
N SER B 8 30.49 11.07 13.79
CA SER B 8 29.04 10.75 14.06
C SER B 8 28.16 10.93 12.82
N SER B 9 27.53 9.84 12.38
CA SER B 9 26.66 9.86 11.22
C SER B 9 25.17 9.85 11.55
N VAL B 10 24.36 10.44 10.67
CA VAL B 10 22.92 10.43 10.84
C VAL B 10 22.33 10.13 9.48
N ILE B 11 21.69 8.97 9.37
CA ILE B 11 21.06 8.55 8.12
C ILE B 11 19.82 9.41 7.86
N LEU B 12 19.64 9.80 6.60
CA LEU B 12 18.51 10.64 6.25
C LEU B 12 17.50 9.91 5.36
N THR B 13 16.25 10.34 5.49
CA THR B 13 15.16 9.82 4.69
C THR B 13 14.99 10.80 3.54
N ASN B 14 14.87 10.30 2.32
CA ASN B 14 14.65 11.19 1.19
C ASN B 14 13.21 11.02 0.76
N TYR B 15 12.44 12.11 0.88
CA TYR B 15 11.04 12.09 0.48
C TYR B 15 10.83 12.89 -0.81
N MET B 16 10.55 12.18 -1.90
CA MET B 16 10.28 12.81 -3.22
C MET B 16 11.34 13.77 -3.74
N ASP B 17 12.57 13.71 -3.23
CA ASP B 17 13.64 14.61 -3.67
C ASP B 17 13.40 16.06 -3.20
N THR B 18 12.42 16.29 -2.33
CA THR B 18 12.13 17.65 -1.87
C THR B 18 12.29 17.85 -0.37
N GLN B 19 12.38 16.75 0.38
CA GLN B 19 12.56 16.84 1.83
C GLN B 19 13.55 15.78 2.29
N TYR B 20 14.55 16.21 3.05
CA TYR B 20 15.55 15.30 3.58
C TYR B 20 15.57 15.53 5.08
N TYR B 21 15.40 14.47 5.84
CA TYR B 21 15.37 14.61 7.28
C TYR B 21 15.84 13.35 7.98
N GLY B 22 16.41 13.54 9.16
CA GLY B 22 16.90 12.43 9.95
C GLY B 22 16.21 12.45 11.29
N GLU B 23 16.68 11.62 12.22
CA GLU B 23 16.08 11.55 13.53
C GLU B 23 17.00 12.04 14.64
N ILE B 24 16.41 12.63 15.67
CA ILE B 24 17.15 13.06 16.85
C ILE B 24 16.27 12.69 18.05
N GLY B 25 16.89 12.53 19.20
CA GLY B 25 16.14 12.18 20.39
C GLY B 25 16.25 13.30 21.40
N ILE B 26 15.15 13.60 22.08
CA ILE B 26 15.15 14.66 23.08
C ILE B 26 14.60 14.17 24.41
N GLY B 27 15.32 14.47 25.48
CA GLY B 27 14.89 14.08 26.81
C GLY B 27 15.26 12.68 27.25
N THR B 28 15.00 12.38 28.52
CA THR B 28 15.27 11.08 29.10
C THR B 28 13.96 10.50 29.62
N PRO B 29 13.44 9.44 28.99
CA PRO B 29 14.01 8.77 27.81
C PRO B 29 13.80 9.60 26.56
N PRO B 30 14.58 9.33 25.51
CA PRO B 30 14.47 10.08 24.25
C PRO B 30 13.15 10.02 23.48
N GLN B 31 12.61 11.19 23.14
CA GLN B 31 11.40 11.30 22.34
C GLN B 31 11.94 11.55 20.94
N THR B 32 11.71 10.60 20.04
CA THR B 32 12.24 10.70 18.68
C THR B 32 11.50 11.63 17.73
N PHE B 33 12.23 12.57 17.15
CA PHE B 33 11.69 13.54 16.20
C PHE B 33 12.38 13.40 14.84
N LYS B 34 11.64 13.73 13.79
CA LYS B 34 12.19 13.72 12.45
C LYS B 34 12.54 15.17 12.19
N VAL B 35 13.78 15.46 11.83
CA VAL B 35 14.14 16.85 11.57
C VAL B 35 15.02 17.11 10.36
N VAL B 36 14.85 18.29 9.77
CA VAL B 36 15.67 18.69 8.63
C VAL B 36 16.88 19.38 9.25
N PHE B 37 18.07 19.10 8.71
CA PHE B 37 19.27 19.72 9.21
C PHE B 37 19.52 20.86 8.24
N ASP B 38 19.28 22.06 8.74
CA ASP B 38 19.32 23.30 7.97
C ASP B 38 20.48 24.27 8.19
N THR B 39 21.37 24.36 7.21
CA THR B 39 22.50 25.30 7.31
C THR B 39 21.99 26.73 7.11
N GLY B 40 20.70 26.86 6.80
CA GLY B 40 20.13 28.18 6.59
C GLY B 40 19.46 28.82 7.80
N SER B 41 19.53 28.14 8.95
CA SER B 41 18.97 28.67 10.20
C SER B 41 19.86 28.21 11.34
N SER B 42 19.68 28.79 12.53
CA SER B 42 20.54 28.45 13.66
C SER B 42 19.89 27.97 14.95
N ASN B 43 18.59 27.70 14.91
CA ASN B 43 17.90 27.23 16.12
C ASN B 43 17.35 25.82 15.96
N VAL B 44 17.13 25.17 17.10
CA VAL B 44 16.55 23.83 17.11
C VAL B 44 15.09 24.08 17.44
N TRP B 45 14.21 23.48 16.66
CA TRP B 45 12.79 23.66 16.88
C TRP B 45 12.01 22.38 16.68
N VAL B 46 11.03 22.15 17.57
CA VAL B 46 10.17 20.98 17.53
C VAL B 46 8.79 21.41 18.02
N PRO B 47 7.73 20.75 17.54
CA PRO B 47 6.40 21.12 17.99
C PRO B 47 6.27 20.83 19.48
N SER B 48 5.57 21.69 20.21
CA SER B 48 5.38 21.49 21.64
C SER B 48 4.09 20.73 21.93
N SER B 49 4.07 20.01 23.06
CA SER B 49 2.87 19.28 23.45
C SER B 49 1.84 20.31 23.86
N LYS B 50 2.32 21.52 24.13
CA LYS B 50 1.46 22.63 24.51
C LYS B 50 0.91 23.35 23.28
N CYS B 51 1.00 22.70 22.12
CA CYS B 51 0.49 23.29 20.88
C CYS B 51 -0.91 22.78 20.61
N SER B 52 -1.87 23.70 20.52
CA SER B 52 -3.27 23.38 20.28
C SER B 52 -3.48 22.64 18.97
N ARG B 53 -4.40 21.68 18.95
CA ARG B 53 -4.69 20.94 17.73
C ARG B 53 -5.35 21.94 16.79
N LEU B 54 -5.64 23.13 17.30
CA LEU B 54 -6.25 24.18 16.50
C LEU B 54 -5.27 24.57 15.40
N TYR B 55 -3.99 24.49 15.71
CA TYR B 55 -2.93 24.78 14.75
C TYR B 55 -2.74 23.47 14.01
N THR B 56 -3.24 23.41 12.78
CA THR B 56 -3.15 22.20 11.99
C THR B 56 -1.75 21.62 11.88
N ALA B 57 -0.74 22.48 11.90
CA ALA B 57 0.65 22.03 11.82
C ALA B 57 1.07 21.25 13.08
N CYS B 58 0.13 21.10 14.02
CA CYS B 58 0.40 20.38 15.26
C CYS B 58 -0.50 19.15 15.42
N VAL B 59 -1.27 18.82 14.38
CA VAL B 59 -2.17 17.69 14.43
C VAL B 59 -1.52 16.35 14.07
N TYR B 60 -0.72 16.34 13.01
CA TYR B 60 -0.09 15.10 12.60
C TYR B 60 1.41 15.02 12.86
N HIS B 61 1.94 15.94 13.66
CA HIS B 61 3.38 15.89 13.98
C HIS B 61 3.62 15.52 15.43
N LYS B 62 4.84 15.07 15.72
CA LYS B 62 5.17 14.69 17.07
C LYS B 62 5.33 15.93 17.94
N LEU B 63 4.86 15.84 19.17
CA LEU B 63 4.94 16.97 20.08
C LEU B 63 5.82 16.58 21.26
N PHE B 64 6.69 17.49 21.67
CA PHE B 64 7.58 17.23 22.80
C PHE B 64 6.83 17.42 24.13
N ASP B 65 6.85 16.37 24.95
CA ASP B 65 6.18 16.44 26.24
C ASP B 65 7.24 16.54 27.32
N ALA B 66 7.54 17.77 27.72
CA ALA B 66 8.55 18.04 28.74
C ALA B 66 8.34 17.29 30.07
N SER B 67 7.10 17.07 30.46
CA SER B 67 6.81 16.38 31.72
C SER B 67 7.10 14.88 31.64
N ASP B 68 7.52 14.42 30.46
CA ASP B 68 7.84 13.01 30.27
C ASP B 68 9.33 12.76 30.24
N SER B 69 10.11 13.84 30.38
CA SER B 69 11.57 13.73 30.36
C SER B 69 12.17 14.14 31.70
N SER B 70 12.81 13.18 32.36
CA SER B 70 13.43 13.42 33.65
C SER B 70 14.69 14.27 33.53
N SER B 71 15.08 14.62 32.30
CA SER B 71 16.27 15.42 32.08
C SER B 71 15.92 16.84 31.66
N TYR B 72 14.65 17.07 31.34
CA TYR B 72 14.20 18.39 30.92
C TYR B 72 14.37 19.41 32.03
N LYS B 73 14.75 20.61 31.64
CA LYS B 73 14.94 21.70 32.58
C LYS B 73 14.20 22.93 32.06
N HIS B 74 13.24 23.41 32.84
CA HIS B 74 12.43 24.55 32.47
C HIS B 74 13.19 25.85 32.19
N ASN B 75 12.58 26.65 31.31
CA ASN B 75 13.08 27.95 30.90
C ASN B 75 11.84 28.44 30.14
N GLY B 76 11.53 29.73 30.20
CA GLY B 76 10.33 30.16 29.51
C GLY B 76 10.50 31.31 28.55
N THR B 77 11.75 31.73 28.35
CA THR B 77 12.03 32.84 27.45
C THR B 77 11.21 32.68 26.18
N GLU B 78 10.28 33.61 25.97
CA GLU B 78 9.44 33.57 24.79
C GLU B 78 10.26 33.97 23.58
N LEU B 79 10.02 33.32 22.46
CA LEU B 79 10.73 33.62 21.23
C LEU B 79 9.78 33.57 20.06
N THR B 80 9.88 34.57 19.18
CA THR B 80 9.02 34.63 18.01
C THR B 80 9.86 34.67 16.74
N LEU B 81 9.17 34.59 15.60
CA LEU B 81 9.82 34.62 14.31
C LEU B 81 8.75 34.84 13.26
N ARG B 82 8.80 35.98 12.59
CA ARG B 82 7.81 36.29 11.56
C ARG B 82 8.22 35.73 10.21
N TYR B 83 8.26 34.42 10.11
CA TYR B 83 8.61 33.75 8.87
C TYR B 83 7.67 34.32 7.81
N SER B 84 7.86 33.93 6.56
CA SER B 84 6.97 34.42 5.51
C SER B 84 5.57 34.00 5.94
N THR B 85 4.62 34.01 5.02
CA THR B 85 3.26 33.63 5.39
C THR B 85 2.95 34.18 6.80
N GLY B 86 2.64 33.31 7.75
CA GLY B 86 2.33 33.77 9.10
C GLY B 86 3.49 33.95 10.07
N THR B 87 3.19 33.84 11.36
CA THR B 87 4.20 33.98 12.41
C THR B 87 4.26 32.69 13.24
N VAL B 88 5.38 32.46 13.90
CA VAL B 88 5.55 31.28 14.74
C VAL B 88 5.96 31.69 16.16
N SER B 89 5.38 31.06 17.16
CA SER B 89 5.68 31.38 18.55
C SER B 89 5.99 30.15 19.38
N GLY B 90 6.86 30.32 20.38
CA GLY B 90 7.22 29.22 21.25
C GLY B 90 8.05 29.69 22.43
N PHE B 91 8.56 28.75 23.21
CA PHE B 91 9.38 29.07 24.37
C PHE B 91 10.65 28.22 24.46
N LEU B 92 11.69 28.77 25.08
CA LEU B 92 12.96 28.08 25.24
C LEU B 92 12.89 26.99 26.30
N SER B 93 13.48 25.84 25.98
CA SER B 93 13.53 24.70 26.88
C SER B 93 14.94 24.11 26.82
N GLN B 94 15.28 23.30 27.81
CA GLN B 94 16.58 22.66 27.83
C GLN B 94 16.45 21.17 28.13
N ASP B 95 17.21 20.37 27.41
CA ASP B 95 17.18 18.92 27.59
C ASP B 95 18.36 18.34 26.83
N ILE B 96 18.55 17.04 26.97
CA ILE B 96 19.64 16.37 26.27
C ILE B 96 19.12 15.94 24.90
N ILE B 97 19.97 16.08 23.90
CA ILE B 97 19.60 15.71 22.54
C ILE B 97 20.59 14.70 21.98
N THR B 98 20.04 13.62 21.42
CA THR B 98 20.85 12.57 20.84
C THR B 98 20.88 12.72 19.32
N VAL B 99 22.08 12.91 18.77
CA VAL B 99 22.26 13.03 17.34
C VAL B 99 23.29 11.99 16.93
N GLY B 100 22.83 10.92 16.31
CA GLY B 100 23.71 9.85 15.89
C GLY B 100 24.72 9.39 16.93
N GLY B 101 24.23 8.88 18.05
CA GLY B 101 25.15 8.38 19.07
C GLY B 101 25.89 9.42 19.90
N ILE B 102 25.57 10.69 19.70
CA ILE B 102 26.20 11.77 20.46
C ILE B 102 25.09 12.38 21.30
N THR B 103 25.40 12.66 22.56
CA THR B 103 24.42 13.27 23.45
C THR B 103 24.97 14.62 23.90
N VAL B 104 24.22 15.68 23.67
CA VAL B 104 24.62 17.02 24.06
C VAL B 104 23.47 17.78 24.72
N THR B 105 23.78 18.53 25.77
CA THR B 105 22.76 19.31 26.47
C THR B 105 22.52 20.54 25.61
N GLN B 106 21.30 20.68 25.10
CA GLN B 106 20.98 21.79 24.20
C GLN B 106 19.76 22.62 24.58
N MET B 107 19.80 23.89 24.17
CA MET B 107 18.71 24.81 24.41
C MET B 107 17.93 24.80 23.10
N PHE B 108 16.64 24.54 23.17
CA PHE B 108 15.81 24.52 21.96
C PHE B 108 14.47 25.17 22.23
N GLY B 109 13.71 25.41 21.17
CA GLY B 109 12.41 26.03 21.31
C GLY B 109 11.26 25.10 21.02
N GLU B 110 10.26 25.10 21.90
CA GLU B 110 9.08 24.28 21.69
C GLU B 110 8.13 25.22 20.97
N VAL B 111 7.54 24.76 19.87
CA VAL B 111 6.63 25.61 19.12
C VAL B 111 5.20 25.43 19.58
N THR B 112 4.57 26.55 19.92
CA THR B 112 3.19 26.53 20.38
C THR B 112 2.24 27.08 19.33
N GLU B 113 2.75 27.94 18.44
CA GLU B 113 1.93 28.53 17.39
C GLU B 113 2.65 28.65 16.05
N MET B 114 1.96 28.29 14.98
CA MET B 114 2.53 28.36 13.64
C MET B 114 1.46 28.19 12.55
N PRO B 115 1.63 28.88 11.41
CA PRO B 115 0.71 28.84 10.27
C PRO B 115 0.68 27.48 9.58
N ALA B 116 -0.43 27.19 8.92
CA ALA B 116 -0.61 25.93 8.21
C ALA B 116 0.48 25.73 7.17
N LEU B 117 0.81 26.79 6.44
CA LEU B 117 1.84 26.71 5.41
C LEU B 117 3.10 27.39 5.89
N PRO B 118 4.27 26.78 5.60
CA PRO B 118 4.34 25.52 4.86
C PRO B 118 4.56 24.34 5.80
N PHE B 119 4.55 24.62 7.10
CA PHE B 119 4.80 23.61 8.12
C PHE B 119 3.94 22.35 8.09
N MET B 120 2.70 22.46 7.63
CA MET B 120 1.82 21.29 7.57
C MET B 120 2.30 20.34 6.48
N LEU B 121 3.05 20.87 5.51
CA LEU B 121 3.56 20.08 4.39
C LEU B 121 4.73 19.17 4.76
N ALA B 122 5.42 19.49 5.85
CA ALA B 122 6.57 18.72 6.27
C ALA B 122 6.27 17.30 6.74
N GLU B 123 7.02 16.35 6.19
CA GLU B 123 6.88 14.94 6.56
C GLU B 123 7.67 14.74 7.82
N PHE B 124 8.42 15.76 8.20
CA PHE B 124 9.25 15.74 9.39
C PHE B 124 8.57 16.62 10.44
N ASP B 125 9.11 16.64 11.65
CA ASP B 125 8.51 17.42 12.72
C ASP B 125 9.21 18.74 13.03
N GLY B 126 10.51 18.80 12.86
CA GLY B 126 11.20 20.03 13.19
C GLY B 126 12.45 20.35 12.40
N VAL B 127 13.26 21.21 12.98
CA VAL B 127 14.48 21.66 12.32
C VAL B 127 15.64 21.79 13.28
N VAL B 128 16.80 21.36 12.83
CA VAL B 128 18.01 21.50 13.63
C VAL B 128 18.89 22.47 12.86
N GLY B 129 18.98 23.69 13.38
CA GLY B 129 19.78 24.72 12.74
C GLY B 129 21.27 24.42 12.75
N MET B 130 21.87 24.38 11.56
CA MET B 130 23.29 24.11 11.43
C MET B 130 24.00 25.42 11.07
N GLY B 131 23.31 26.54 11.29
CA GLY B 131 23.87 27.85 11.00
C GLY B 131 24.69 28.38 12.17
N PHE B 132 25.17 29.63 12.05
CA PHE B 132 25.99 30.25 13.09
C PHE B 132 25.16 30.93 14.19
N ILE B 133 25.79 31.10 15.36
CA ILE B 133 25.14 31.72 16.50
C ILE B 133 24.66 33.14 16.20
N GLU B 134 25.44 33.88 15.40
CA GLU B 134 25.09 35.25 15.03
C GLU B 134 23.65 35.38 14.56
N GLN B 135 23.09 34.31 14.00
CA GLN B 135 21.72 34.36 13.51
C GLN B 135 20.76 33.55 14.36
N ALA B 136 21.25 33.05 15.48
CA ALA B 136 20.41 32.28 16.37
C ALA B 136 19.45 33.23 17.08
N ILE B 137 18.17 32.86 17.11
CA ILE B 137 17.18 33.68 17.79
C ILE B 137 17.50 33.65 19.29
N GLY B 138 17.41 34.80 19.94
CA GLY B 138 17.70 34.87 21.36
C GLY B 138 19.14 34.50 21.63
N ARG B 139 19.98 34.61 20.60
CA ARG B 139 21.40 34.29 20.66
C ARG B 139 21.69 32.98 21.38
N VAL B 140 20.83 31.99 21.14
CA VAL B 140 21.00 30.67 21.73
C VAL B 140 22.15 29.94 21.03
N THR B 141 22.89 29.14 21.79
CA THR B 141 24.02 28.40 21.23
C THR B 141 23.55 27.24 20.35
N PRO B 142 23.93 27.26 19.05
CA PRO B 142 23.54 26.20 18.13
C PRO B 142 24.05 24.85 18.59
N ILE B 143 23.38 23.78 18.18
CA ILE B 143 23.78 22.44 18.60
C ILE B 143 25.18 22.01 18.16
N PHE B 144 25.61 22.41 16.97
CA PHE B 144 26.94 22.01 16.53
C PHE B 144 28.05 22.65 17.38
N ASP B 145 27.88 23.91 17.76
CA ASP B 145 28.90 24.58 18.58
C ASP B 145 29.00 23.85 19.92
N ASN B 146 27.85 23.46 20.45
CA ASN B 146 27.80 22.76 21.71
C ASN B 146 28.53 21.43 21.60
N ILE B 147 28.26 20.70 20.52
CA ILE B 147 28.91 19.42 20.31
C ILE B 147 30.40 19.61 20.14
N ILE B 148 30.79 20.70 19.49
CA ILE B 148 32.20 20.99 19.30
C ILE B 148 32.86 21.20 20.66
N SER B 149 32.10 21.77 21.59
CA SER B 149 32.62 22.05 22.93
C SER B 149 33.05 20.82 23.71
N GLN B 150 32.43 19.67 23.47
CA GLN B 150 32.84 18.48 24.23
C GLN B 150 34.14 17.89 23.70
N GLY B 151 34.63 18.45 22.59
CA GLY B 151 35.88 18.01 22.02
C GLY B 151 36.05 16.54 21.67
N VAL B 152 35.08 15.97 20.97
CA VAL B 152 35.17 14.56 20.57
C VAL B 152 35.28 14.44 19.04
N LEU B 153 34.89 15.49 18.32
CA LEU B 153 34.94 15.48 16.86
C LEU B 153 36.35 15.64 16.29
N LYS B 154 36.72 14.74 15.38
CA LYS B 154 38.04 14.78 14.73
C LYS B 154 38.32 16.15 14.13
N GLU B 155 37.31 16.73 13.50
CA GLU B 155 37.46 18.04 12.89
C GLU B 155 36.21 18.91 13.04
N ASP B 156 36.43 20.21 12.94
CA ASP B 156 35.36 21.19 13.09
C ASP B 156 34.58 21.40 11.78
N VAL B 157 34.01 20.33 11.25
CA VAL B 157 33.24 20.40 10.01
C VAL B 157 32.14 19.35 10.02
N PHE B 158 31.16 19.52 9.13
CA PHE B 158 30.10 18.55 8.99
C PHE B 158 29.76 18.47 7.52
N SER B 159 29.34 17.30 7.07
CA SER B 159 29.04 17.11 5.66
C SER B 159 27.67 16.55 5.33
N PHE B 160 27.20 16.87 4.13
CA PHE B 160 25.91 16.42 3.64
C PHE B 160 25.98 15.63 2.36
N TYR B 161 25.22 14.54 2.33
CA TYR B 161 25.09 13.68 1.17
C TYR B 161 23.59 13.54 0.97
N TYR B 162 23.09 13.92 -0.20
CA TYR B 162 21.66 13.77 -0.53
C TYR B 162 21.58 12.86 -1.75
N ASN B 163 20.93 11.71 -1.60
CA ASN B 163 20.80 10.76 -2.70
C ASN B 163 19.58 11.08 -3.55
N ARG B 164 19.53 10.52 -4.75
CA ARG B 164 18.41 10.71 -5.67
C ARG B 164 17.38 9.63 -5.35
N ASP B 165 16.11 10.01 -5.33
CA ASP B 165 15.03 9.09 -5.01
C ASP B 165 14.90 7.97 -6.03
N SER B 166 14.67 6.76 -5.53
CA SER B 166 14.51 5.60 -6.40
C SER B 166 13.55 4.60 -5.76
N GLU B 167 12.32 5.03 -5.51
CA GLU B 167 11.32 4.16 -4.91
C GLU B 167 10.82 3.19 -5.98
N ASN B 168 10.04 3.63 -6.85
N LEU B 172 19.34 4.27 0.77
CA LEU B 172 19.74 5.38 1.68
C LEU B 172 19.35 6.73 1.07
N GLY B 173 18.60 7.53 1.83
CA GLY B 173 18.16 8.82 1.33
C GLY B 173 19.19 9.93 1.43
N GLY B 174 20.10 9.80 2.39
CA GLY B 174 21.13 10.80 2.58
C GLY B 174 21.89 10.52 3.85
N GLN B 175 22.91 11.32 4.13
CA GLN B 175 23.70 11.14 5.32
C GLN B 175 24.51 12.37 5.70
N ILE B 176 24.46 12.71 6.97
CA ILE B 176 25.21 13.84 7.49
C ILE B 176 26.33 13.27 8.34
N VAL B 177 27.53 13.80 8.17
CA VAL B 177 28.66 13.35 8.97
C VAL B 177 29.12 14.53 9.81
N LEU B 178 29.01 14.40 11.12
CA LEU B 178 29.46 15.47 12.03
C LEU B 178 30.90 15.15 12.38
N GLY B 179 31.81 16.09 12.14
CA GLY B 179 33.20 15.87 12.45
C GLY B 179 34.08 15.46 11.27
N GLY B 180 33.48 15.19 10.12
CA GLY B 180 34.26 14.79 8.97
C GLY B 180 33.46 14.59 7.70
N SER B 181 34.00 13.78 6.79
CA SER B 181 33.37 13.47 5.52
C SER B 181 33.37 11.98 5.29
N ASP B 182 32.49 11.51 4.40
CA ASP B 182 32.42 10.08 4.11
C ASP B 182 32.82 9.84 2.65
N PRO B 183 34.08 9.46 2.43
CA PRO B 183 34.71 9.18 1.13
C PRO B 183 33.89 8.26 0.22
N GLN B 184 33.03 7.44 0.81
CA GLN B 184 32.22 6.54 0.01
C GLN B 184 31.14 7.27 -0.77
N HIS B 185 30.78 8.48 -0.35
CA HIS B 185 29.74 9.22 -1.05
C HIS B 185 30.19 10.39 -1.93
N TYR B 186 31.48 10.46 -2.21
CA TYR B 186 32.00 11.49 -3.09
C TYR B 186 33.19 11.00 -3.90
N GLU B 187 33.46 11.71 -4.99
CA GLU B 187 34.51 11.34 -5.91
C GLU B 187 35.60 12.42 -5.96
N GLY B 188 36.85 12.00 -6.11
CA GLY B 188 37.95 12.94 -6.17
C GLY B 188 38.21 13.69 -4.87
N ASN B 189 38.58 14.96 -4.99
CA ASN B 189 38.90 15.77 -3.81
C ASN B 189 38.10 17.06 -3.75
N PHE B 190 37.89 17.54 -2.53
CA PHE B 190 37.18 18.77 -2.32
C PHE B 190 37.98 19.97 -2.81
N HIS B 191 37.23 21.00 -3.17
CA HIS B 191 37.76 22.30 -3.55
C HIS B 191 36.85 23.23 -2.76
N TYR B 192 37.42 24.12 -1.97
CA TYR B 192 36.63 25.00 -1.13
C TYR B 192 36.49 26.43 -1.62
N ILE B 193 35.43 27.06 -1.15
CA ILE B 193 35.15 28.46 -1.46
C ILE B 193 34.95 29.08 -0.08
N ASN B 194 35.63 30.19 0.17
CA ASN B 194 35.53 30.86 1.46
C ASN B 194 34.21 31.62 1.55
N LEU B 195 33.72 31.80 2.77
CA LEU B 195 32.49 32.52 3.01
C LEU B 195 32.75 34.01 2.83
N ILE B 196 31.75 34.76 2.38
CA ILE B 196 31.89 36.20 2.23
C ILE B 196 32.37 36.67 3.60
N LYS B 197 31.67 36.21 4.64
CA LYS B 197 32.01 36.55 6.01
C LYS B 197 31.38 35.54 6.96
N THR B 198 31.99 35.36 8.12
CA THR B 198 31.47 34.42 9.10
C THR B 198 30.05 34.80 9.48
N GLY B 199 29.32 33.84 10.06
CA GLY B 199 27.95 34.10 10.48
C GLY B 199 26.90 33.55 9.54
N VAL B 200 27.25 33.37 8.28
CA VAL B 200 26.30 32.86 7.28
C VAL B 200 27.01 31.95 6.27
N TRP B 201 26.41 30.79 5.99
CA TRP B 201 27.00 29.87 5.03
C TRP B 201 26.66 30.39 3.65
N GLN B 202 27.24 31.54 3.31
CA GLN B 202 26.99 32.20 2.04
C GLN B 202 28.31 32.51 1.37
N ILE B 203 28.39 32.23 0.07
CA ILE B 203 29.61 32.48 -0.68
C ILE B 203 29.31 33.37 -1.87
N GLN B 204 30.38 33.91 -2.45
CA GLN B 204 30.30 34.76 -3.62
C GLN B 204 30.19 33.88 -4.85
N MET B 205 29.33 34.26 -5.79
CA MET B 205 29.17 33.50 -7.01
C MET B 205 29.56 34.43 -8.16
N LYS B 206 30.46 33.96 -9.01
CA LYS B 206 30.92 34.78 -10.12
C LYS B 206 30.14 34.67 -11.42
N GLY B 207 28.98 34.01 -11.39
CA GLY B 207 28.17 33.89 -12.59
C GLY B 207 27.38 32.61 -12.75
N VAL B 208 26.30 32.66 -13.52
CA VAL B 208 25.46 31.49 -13.78
C VAL B 208 25.40 31.29 -15.30
N SER B 209 25.95 30.19 -15.77
CA SER B 209 25.96 29.92 -17.20
C SER B 209 24.93 28.88 -17.65
N VAL B 210 24.38 29.11 -18.83
CA VAL B 210 23.40 28.20 -19.42
C VAL B 210 24.00 27.76 -20.75
N GLY B 211 24.48 26.52 -20.81
CA GLY B 211 25.08 26.03 -22.03
C GLY B 211 26.50 26.54 -22.14
N SER B 212 26.64 27.86 -22.25
CA SER B 212 27.96 28.49 -22.36
C SER B 212 27.83 30.00 -22.27
N SER B 213 26.59 30.48 -22.35
CA SER B 213 26.31 31.91 -22.28
C SER B 213 26.10 32.36 -20.84
N THR B 214 27.14 32.90 -20.21
CA THR B 214 27.04 33.39 -18.85
C THR B 214 26.11 34.59 -18.89
N LEU B 215 24.81 34.33 -19.01
CA LEU B 215 23.83 35.39 -19.11
C LEU B 215 23.31 35.89 -17.77
N LEU B 216 23.66 35.21 -16.69
CA LEU B 216 23.19 35.62 -15.37
C LEU B 216 24.28 35.82 -14.35
N CYS B 217 24.00 36.69 -13.37
CA CYS B 217 24.94 36.96 -12.30
C CYS B 217 26.30 37.42 -12.81
N GLU B 218 26.33 37.98 -14.02
CA GLU B 218 27.58 38.49 -14.55
C GLU B 218 27.89 39.64 -13.60
N ASP B 219 29.14 39.78 -13.19
CA ASP B 219 29.53 40.84 -12.26
C ASP B 219 29.31 40.46 -10.81
N GLY B 220 29.00 39.18 -10.58
CA GLY B 220 28.82 38.69 -9.22
C GLY B 220 27.46 38.82 -8.55
N CYS B 221 27.18 37.85 -7.67
CA CYS B 221 25.93 37.79 -6.91
C CYS B 221 26.21 36.88 -5.71
N LEU B 222 25.21 36.67 -4.85
CA LEU B 222 25.40 35.84 -3.66
C LEU B 222 24.82 34.43 -3.77
N ALA B 223 25.37 33.50 -3.01
CA ALA B 223 24.90 32.12 -3.02
C ALA B 223 24.91 31.50 -1.63
N LEU B 224 23.70 31.26 -1.11
CA LEU B 224 23.51 30.65 0.21
C LEU B 224 23.47 29.14 -0.03
N VAL B 225 24.33 28.37 0.65
CA VAL B 225 24.32 26.92 0.51
C VAL B 225 23.39 26.46 1.63
N ASP B 226 22.14 26.22 1.27
CA ASP B 226 21.07 25.87 2.20
C ASP B 226 20.59 24.43 2.11
N THR B 227 21.06 23.60 3.06
CA THR B 227 20.72 22.19 3.09
C THR B 227 19.24 22.00 3.44
N GLY B 228 18.62 23.07 3.93
CA GLY B 228 17.21 23.01 4.29
C GLY B 228 16.27 23.43 3.19
N ALA B 229 16.82 23.73 2.01
CA ALA B 229 16.01 24.16 0.87
C ALA B 229 15.88 23.00 -0.10
N SER B 230 14.70 22.89 -0.72
CA SER B 230 14.43 21.81 -1.67
C SER B 230 15.13 22.00 -3.00
N TYR B 231 15.25 23.25 -3.44
CA TYR B 231 15.81 23.51 -4.74
C TYR B 231 16.96 24.49 -4.78
N ILE B 232 17.34 24.80 -6.01
CA ILE B 232 18.34 25.80 -6.27
C ILE B 232 17.38 26.95 -6.56
N SER B 233 17.59 28.10 -5.94
CA SER B 233 16.68 29.21 -6.17
C SER B 233 17.43 30.47 -6.47
N GLY B 234 16.73 31.39 -7.13
CA GLY B 234 17.28 32.67 -7.47
C GLY B 234 16.12 33.63 -7.32
N SER B 235 16.38 34.93 -7.48
CA SER B 235 15.32 35.93 -7.36
C SER B 235 14.29 35.68 -8.46
N THR B 236 13.10 36.23 -8.28
CA THR B 236 12.04 36.06 -9.27
C THR B 236 12.53 36.53 -10.65
N SER B 237 13.27 37.62 -10.69
CA SER B 237 13.79 38.15 -11.95
C SER B 237 14.85 37.26 -12.59
N SER B 238 15.78 36.76 -11.79
CA SER B 238 16.84 35.90 -12.32
C SER B 238 16.25 34.63 -12.92
N ILE B 239 15.38 33.98 -12.16
CA ILE B 239 14.74 32.74 -12.60
C ILE B 239 13.94 32.99 -13.88
N GLU B 240 13.26 34.13 -13.96
CA GLU B 240 12.49 34.49 -15.14
C GLU B 240 13.42 34.45 -16.36
N LYS B 241 14.60 35.04 -16.21
CA LYS B 241 15.58 35.08 -17.29
C LYS B 241 16.09 33.66 -17.57
N LEU B 242 16.40 32.93 -16.50
CA LEU B 242 16.90 31.57 -16.65
C LEU B 242 15.90 30.68 -17.37
N MET B 243 14.65 30.72 -16.90
CA MET B 243 13.59 29.91 -17.50
C MET B 243 13.35 30.26 -18.97
N GLU B 244 13.42 31.55 -19.28
CA GLU B 244 13.20 31.99 -20.66
C GLU B 244 14.25 31.37 -21.56
N ALA B 245 15.48 31.26 -21.06
CA ALA B 245 16.57 30.68 -21.84
C ALA B 245 16.41 29.17 -22.03
N LEU B 246 15.77 28.51 -21.08
CA LEU B 246 15.56 27.06 -21.17
C LEU B 246 14.34 26.71 -22.00
N GLY B 247 13.52 27.71 -22.32
CA GLY B 247 12.34 27.45 -23.12
C GLY B 247 11.20 26.93 -22.27
N ALA B 248 11.34 27.09 -20.95
CA ALA B 248 10.31 26.65 -20.02
C ALA B 248 9.23 27.71 -19.89
N LYS B 249 8.01 27.25 -19.61
CA LYS B 249 6.88 28.14 -19.45
C LYS B 249 6.24 27.90 -18.10
N LYS B 250 5.72 28.96 -17.51
CA LYS B 250 5.07 28.86 -16.21
C LYS B 250 3.63 28.41 -16.40
N ARG B 251 3.30 27.24 -15.85
CA ARG B 251 1.96 26.68 -15.94
C ARG B 251 1.01 27.54 -15.12
N LEU B 252 0.74 27.13 -13.90
CA LEU B 252 -0.14 27.89 -13.02
C LEU B 252 0.63 28.29 -11.77
N PHE B 253 1.47 27.39 -11.28
CA PHE B 253 2.26 27.66 -10.10
C PHE B 253 3.75 27.47 -10.39
N ASP B 254 4.07 26.50 -11.24
CA ASP B 254 5.46 26.20 -11.55
C ASP B 254 5.84 26.28 -13.02
N TYR B 255 7.14 26.33 -13.27
CA TYR B 255 7.65 26.36 -14.63
C TYR B 255 7.69 24.91 -15.11
N VAL B 256 7.46 24.70 -16.39
CA VAL B 256 7.49 23.35 -16.93
C VAL B 256 8.06 23.30 -18.34
N VAL B 257 8.39 22.08 -18.75
CA VAL B 257 8.94 21.85 -20.07
C VAL B 257 8.37 20.53 -20.57
N LYS B 258 8.24 20.37 -21.89
CA LYS B 258 7.74 19.11 -22.44
C LYS B 258 8.74 18.07 -21.96
N CYS B 259 8.25 17.00 -21.35
CA CYS B 259 9.16 15.99 -20.82
C CYS B 259 10.17 15.44 -21.82
N ASN B 260 9.76 15.26 -23.07
CA ASN B 260 10.67 14.72 -24.07
C ASN B 260 11.80 15.69 -24.37
N GLU B 261 11.55 16.97 -24.22
CA GLU B 261 12.59 17.95 -24.49
C GLU B 261 13.53 18.15 -23.31
N GLY B 262 13.06 17.79 -22.11
CA GLY B 262 13.87 17.92 -20.91
C GLY B 262 15.33 17.55 -21.12
N PRO B 263 15.62 16.34 -21.61
CA PRO B 263 16.97 15.82 -21.87
C PRO B 263 17.78 16.61 -22.90
N THR B 264 17.14 17.54 -23.60
CA THR B 264 17.81 18.34 -24.61
C THR B 264 18.23 19.73 -24.11
N LEU B 265 17.80 20.10 -22.90
CA LEU B 265 18.16 21.40 -22.35
C LEU B 265 19.65 21.49 -22.07
N PRO B 266 20.21 22.70 -22.09
CA PRO B 266 21.63 22.89 -21.84
C PRO B 266 22.02 22.75 -20.37
N ASP B 267 23.31 22.48 -20.15
CA ASP B 267 23.84 22.36 -18.80
C ASP B 267 23.72 23.75 -18.18
N ILE B 268 23.69 23.80 -16.85
CA ILE B 268 23.64 25.06 -16.13
C ILE B 268 24.88 25.04 -15.22
N SER B 269 25.71 26.08 -15.31
CA SER B 269 26.93 26.11 -14.52
C SER B 269 26.99 27.26 -13.52
N PHE B 270 27.41 26.93 -12.31
CA PHE B 270 27.55 27.92 -11.26
C PHE B 270 29.04 28.12 -10.97
N HIS B 271 29.52 29.33 -11.19
CA HIS B 271 30.94 29.65 -10.99
C HIS B 271 31.21 30.04 -9.55
N LEU B 272 31.83 29.11 -8.82
CA LEU B 272 32.15 29.30 -7.41
C LEU B 272 33.63 29.06 -7.15
N GLY B 273 34.29 30.05 -6.56
CA GLY B 273 35.70 29.92 -6.26
C GLY B 273 36.53 29.50 -7.46
N GLY B 274 36.38 30.20 -8.58
CA GLY B 274 37.16 29.87 -9.76
C GLY B 274 36.81 28.60 -10.52
N LYS B 275 35.98 27.73 -9.92
CA LYS B 275 35.57 26.50 -10.59
C LYS B 275 34.13 26.55 -11.09
N GLU B 276 33.82 25.68 -12.05
CA GLU B 276 32.48 25.63 -12.61
C GLU B 276 31.73 24.38 -12.15
N TYR B 277 30.65 24.59 -11.42
CA TYR B 277 29.83 23.49 -10.93
C TYR B 277 28.65 23.33 -11.88
N THR B 278 28.70 22.24 -12.62
CA THR B 278 27.72 21.95 -13.65
C THR B 278 26.65 20.92 -13.31
N LEU B 279 25.42 21.24 -13.70
CA LEU B 279 24.28 20.36 -13.51
C LEU B 279 23.75 20.12 -14.92
N THR B 280 23.47 18.86 -15.27
CA THR B 280 22.92 18.55 -16.60
C THR B 280 21.42 18.66 -16.41
N SER B 281 20.68 18.63 -17.51
CA SER B 281 19.22 18.74 -17.42
C SER B 281 18.67 17.55 -16.66
N ALA B 282 19.40 16.45 -16.67
CA ALA B 282 18.95 15.27 -15.94
C ALA B 282 19.06 15.59 -14.46
N ASP B 283 19.94 16.53 -14.11
CA ASP B 283 20.15 16.93 -12.73
C ASP B 283 19.12 17.93 -12.21
N TYR B 284 18.49 18.68 -13.10
CA TYR B 284 17.53 19.67 -12.65
C TYR B 284 16.09 19.56 -13.19
N VAL B 285 15.82 18.52 -13.98
CA VAL B 285 14.47 18.32 -14.50
C VAL B 285 13.82 17.10 -13.85
N PHE B 286 12.66 17.30 -13.25
CA PHE B 286 11.95 16.19 -12.62
C PHE B 286 11.26 15.40 -13.72
N GLN B 287 12.00 14.48 -14.32
CA GLN B 287 11.50 13.66 -15.42
C GLN B 287 10.56 12.55 -14.95
N GLU B 288 9.35 12.93 -14.52
CA GLU B 288 8.36 11.95 -14.05
C GLU B 288 8.01 11.01 -15.20
N SER B 289 8.41 11.41 -16.41
CA SER B 289 8.20 10.64 -17.63
C SER B 289 9.06 11.31 -18.71
N TYR B 290 9.03 10.78 -19.92
CA TYR B 290 9.83 11.35 -21.02
C TYR B 290 8.96 11.49 -22.27
N SER B 291 7.67 11.36 -22.08
CA SER B 291 6.71 11.46 -23.18
C SER B 291 6.49 12.88 -23.70
N SER B 292 6.27 12.98 -25.00
CA SER B 292 6.00 14.27 -25.64
C SER B 292 4.56 14.68 -25.36
N LYS B 293 3.81 13.80 -24.68
CA LYS B 293 2.41 14.06 -24.35
C LYS B 293 2.24 14.62 -22.93
N LYS B 294 3.34 14.87 -22.22
CA LYS B 294 3.26 15.35 -20.84
C LYS B 294 4.24 16.45 -20.46
N LEU B 295 3.93 17.16 -19.38
CA LEU B 295 4.77 18.24 -18.89
C LEU B 295 5.59 17.84 -17.68
N CYS B 296 6.81 18.36 -17.61
CA CYS B 296 7.73 18.05 -16.51
C CYS B 296 8.18 19.29 -15.74
N THR B 297 8.18 19.20 -14.42
CA THR B 297 8.59 20.32 -13.56
C THR B 297 10.11 20.36 -13.41
N LEU B 298 10.63 21.53 -13.03
CA LEU B 298 12.08 21.70 -12.82
C LEU B 298 12.36 21.80 -11.33
N ALA B 299 13.59 21.48 -10.94
CA ALA B 299 13.99 21.51 -9.54
C ALA B 299 14.68 22.84 -9.23
N ILE B 300 14.24 23.88 -9.92
CA ILE B 300 14.76 25.22 -9.74
C ILE B 300 13.53 26.14 -9.66
N HIS B 301 13.36 26.77 -8.51
CA HIS B 301 12.22 27.66 -8.28
C HIS B 301 12.69 29.05 -7.87
N ALA B 302 11.79 30.02 -7.99
CA ALA B 302 12.11 31.38 -7.59
C ALA B 302 11.94 31.45 -6.07
N MET B 303 12.80 32.22 -5.41
CA MET B 303 12.76 32.40 -3.96
C MET B 303 13.35 33.75 -3.61
N ASP B 304 12.48 34.76 -3.52
CA ASP B 304 12.93 36.10 -3.17
C ASP B 304 13.23 36.13 -1.67
N ILE B 305 14.51 36.00 -1.34
CA ILE B 305 14.94 36.01 0.05
C ILE B 305 15.20 37.46 0.47
N PRO B 306 14.52 37.91 1.54
CA PRO B 306 14.63 39.26 2.09
C PRO B 306 15.91 39.51 2.88
N PRO B 307 16.36 40.77 2.92
CA PRO B 307 17.57 41.19 3.64
C PRO B 307 17.51 40.73 5.09
N PRO B 308 18.67 40.72 5.78
CA PRO B 308 19.99 41.09 5.28
C PRO B 308 20.68 40.00 4.45
N THR B 309 20.25 38.76 4.61
CA THR B 309 20.83 37.64 3.89
C THR B 309 20.64 37.74 2.38
N GLY B 310 19.44 38.13 1.95
CA GLY B 310 19.16 38.25 0.53
C GLY B 310 19.03 39.69 0.06
N PRO B 311 18.69 39.93 -1.23
CA PRO B 311 18.43 38.90 -2.23
C PRO B 311 19.65 38.02 -2.47
N THR B 312 19.42 36.75 -2.74
CA THR B 312 20.52 35.82 -2.94
C THR B 312 20.04 34.53 -3.56
N TRP B 313 20.94 33.85 -4.24
CA TRP B 313 20.63 32.56 -4.81
C TRP B 313 20.72 31.62 -3.62
N ALA B 314 20.15 30.44 -3.77
CA ALA B 314 20.19 29.44 -2.71
C ALA B 314 20.45 28.10 -3.37
N LEU B 315 21.48 27.41 -2.90
CA LEU B 315 21.83 26.11 -3.43
C LEU B 315 21.32 25.07 -2.44
N GLY B 316 20.15 24.51 -2.75
CA GLY B 316 19.53 23.53 -1.88
C GLY B 316 19.77 22.11 -2.32
N ALA B 317 18.79 21.24 -2.05
CA ALA B 317 18.89 19.83 -2.39
C ALA B 317 19.30 19.54 -3.83
N THR B 318 18.79 20.31 -4.78
CA THR B 318 19.14 20.08 -6.18
C THR B 318 20.65 20.14 -6.43
N PHE B 319 21.32 21.07 -5.77
CA PHE B 319 22.76 21.22 -5.95
C PHE B 319 23.51 20.18 -5.12
N ILE B 320 23.12 20.03 -3.87
CA ILE B 320 23.79 19.09 -2.97
C ILE B 320 23.76 17.66 -3.49
N ARG B 321 22.67 17.32 -4.19
CA ARG B 321 22.50 15.99 -4.76
C ARG B 321 23.60 15.69 -5.76
N LYS B 322 24.06 16.73 -6.46
CA LYS B 322 25.10 16.58 -7.47
C LYS B 322 26.48 16.69 -6.84
N PHE B 323 26.61 17.58 -5.85
CA PHE B 323 27.88 17.78 -5.19
C PHE B 323 27.86 17.57 -3.67
N TYR B 324 28.54 16.52 -3.21
CA TYR B 324 28.65 16.24 -1.79
C TYR B 324 29.22 17.54 -1.20
N THR B 325 28.66 18.00 -0.08
CA THR B 325 29.06 19.27 0.53
C THR B 325 29.66 19.18 1.93
N GLU B 326 30.72 19.94 2.16
CA GLU B 326 31.37 19.97 3.46
C GLU B 326 31.38 21.39 4.01
N PHE B 327 30.73 21.58 5.16
CA PHE B 327 30.69 22.89 5.79
C PHE B 327 31.83 22.92 6.79
N ASP B 328 32.84 23.72 6.49
CA ASP B 328 34.03 23.81 7.33
C ASP B 328 34.02 25.04 8.23
N ARG B 329 33.73 24.82 9.51
CA ARG B 329 33.67 25.88 10.51
C ARG B 329 35.04 26.42 10.90
N ARG B 330 36.04 25.53 10.97
CA ARG B 330 37.38 25.96 11.35
C ARG B 330 37.91 27.05 10.41
N ASN B 331 37.67 26.89 9.12
CA ASN B 331 38.14 27.81 8.10
C ASN B 331 37.08 28.71 7.44
N ASN B 332 35.84 28.64 7.91
CA ASN B 332 34.76 29.45 7.32
C ASN B 332 34.77 29.31 5.80
N ARG B 333 34.69 28.07 5.35
CA ARG B 333 34.70 27.78 3.92
C ARG B 333 33.73 26.63 3.67
N ILE B 334 33.38 26.41 2.41
CA ILE B 334 32.49 25.32 2.03
C ILE B 334 33.19 24.54 0.92
N GLY B 335 33.22 23.21 1.08
CA GLY B 335 33.86 22.35 0.10
C GLY B 335 32.88 21.52 -0.69
N PHE B 336 33.17 21.38 -1.98
CA PHE B 336 32.33 20.61 -2.87
C PHE B 336 33.11 19.51 -3.59
N ALA B 337 32.44 18.37 -3.76
CA ALA B 337 33.02 17.23 -4.44
C ALA B 337 31.87 16.47 -5.11
N LEU B 338 32.14 15.95 -6.29
CA LEU B 338 31.13 15.22 -7.04
C LEU B 338 30.60 14.07 -6.20
N ALA B 339 29.29 14.05 -5.96
CA ALA B 339 28.67 13.01 -5.14
C ALA B 339 28.49 11.70 -5.91
N ARG B 340 28.50 10.59 -5.19
CA ARG B 340 28.33 9.28 -5.83
C ARG B 340 27.56 8.33 -4.93
C1 PZ1 C . 10.20 21.90 10.06
O1 PZ1 C . 8.97 22.56 9.87
C2 PZ1 C . 7.99 22.15 10.79
C3 PZ1 C . 7.87 22.78 12.09
C4 PZ1 C . 8.83 23.92 12.46
O2 PZ1 C . 8.67 24.50 13.73
C5 PZ1 C . 7.11 21.09 10.42
C6 PZ1 C . 6.10 20.63 11.33
C7 PZ1 C . 5.97 21.25 12.61
C8 PZ1 C . 6.85 22.31 12.98
C20 PZ1 C . 14.71 26.42 6.07
C21 PZ1 C . 15.56 26.76 4.84
N2 PZ1 C . 16.52 27.83 5.04
C22 PZ1 C . 16.34 28.94 5.99
C23 PZ1 C . 15.26 28.76 7.08
N3 PZ1 C . 14.50 27.57 7.10
O5 PZ1 C . 15.10 29.67 7.88
C24 PZ1 C . 13.39 25.86 5.46
O6 PZ1 C . 12.83 24.93 6.38
C25 PZ1 C . 12.19 27.93 7.99
C26 PZ1 C . 13.54 27.43 8.12
C27 PZ1 C . 13.91 26.74 9.35
C28 PZ1 C . 12.93 26.59 10.39
C29 PZ1 C . 11.58 27.10 10.22
C30 PZ1 C . 11.23 27.78 9.02
O7 PZ1 C . 10.56 26.95 11.19
C31 PZ1 C . 10.81 27.24 12.54
C32 PZ1 C . 9.52 26.93 13.34
C33 PZ1 C . 9.58 25.58 14.08
C34 PZ1 C . 14.13 20.05 2.87
C9 PZ1 C . 10.44 24.59 6.73
C10 PZ1 C . 9.23 23.96 6.32
C11 PZ1 C . 9.19 23.08 5.17
C12 PZ1 C . 10.42 22.81 4.41
C13 PZ1 C . 11.62 23.47 4.87
C14 PZ1 C . 11.64 24.34 5.99
C15 PZ1 C . 7.86 22.44 4.79
C16 PZ1 C . 7.86 21.49 3.56
C17 PZ1 C . 9.19 21.25 2.78
N1 PZ1 C . 10.44 21.92 3.26
C18 PZ1 C . 11.70 21.65 2.49
C19 PZ1 C . 12.72 20.69 3.13
O3 PZ1 C . 15.01 18.76 2.85
#